data_8UCU
#
_entry.id   8UCU
#
_cell.length_a   1.00
_cell.length_b   1.00
_cell.length_c   1.00
_cell.angle_alpha   90.00
_cell.angle_beta   90.00
_cell.angle_gamma   90.00
#
_symmetry.space_group_name_H-M   'P 1'
#
loop_
_entity.id
_entity.type
_entity.pdbx_description
1 polymer 'DNA polymerase alpha catalytic subunit'
2 polymer 'DNA template'
3 polymer 'RNA-DNA primer'
4 non-polymer "2'-DEOXYGUANOSINE-5'-TRIPHOSPHATE"
5 non-polymer 'MAGNESIUM ION'
#
loop_
_entity_poly.entity_id
_entity_poly.type
_entity_poly.pdbx_seq_one_letter_code
_entity_poly.pdbx_strand_id
1 'polypeptide(L)'
;SNAADGSQVFRFYWLDAYEDQYSQPGVVYLFGKVWIESADAYVSCCVSVKNIERTVYLLPRENRVQLSTGKDTGAPVSMM
HVYQEFNEAVAEKYKIMKFKSKKVDKDYAFEIPDVPASSEYLEVRYSADSPQLPQDLKGETFSHVFGTNTSSLELFLLSR
KIKGPSWLEIKSPQLSSQPMSWCKVEAVVTRPDQVSVVKDLAPPPVVVLSLSMKTVQNAKTHQNEIVAIAALVHHTFPLD
KAPPQPPFQTHFCVLSKLNDCIFPYDYNEAVKQKNANIEIALTERTLLGFFLAKIHKIDPDVIVGHDIYGFDLEVLLQRI
NSCKVPFWSKIGRLRRSVMPKLGGRSGFAERNAACGRIICDIEISAKELIRCKSYHLSELVHQILKAERVVIPPENIRNA
YNDSVHLLYMLENTWIDAKFILQIMCELNVLPLALQITNIAGNVMSRTLMGGRSERNEYLLLHAFTENNFIVPDKPVFKK
MQQTTVEDNDDMGTDQNKNKSRKKAAYAGGLVLEPKVGFYDKFILLLDFNSLYPSIIQEYNICFTTVHREAPSTQKGEDQ
DEIPELPHSDLEMGILPREIRKLVERRRHVKQLMKQPDLNPDLYLQYDIRQKALKLTANSMYGCLGFSYSRFYAKPLAAL
VTHQGREILLHTKEMVQKMNLEVIYGDTDSIMINTNCNNLEEVFKLGNRVKSEINKSYKLLEIDIDGIFKSLLLLKKKKY
AALTVEPTGDGKYVTKQELKGLDIVRRDWCELAKQAGNYVISQILSDQPRDSIVENIQKKLTEIGENVTNGTVPITQYEI
NKALTKDPQDYPDKKSLPHVHVALWINSQGGRKVKAGDTISYVICQDGSNLSASQRAYAQEQLQKQENLSIDTQYYLSQQ
VHPVVARICEPIDGIDSALIAMWLGLDPSQFRAHRHYQQDEENDALLGGPSQLTDEEKYRDCERFKFFCPKCGTENIYDN
VFDGSGLQIEPGLKRCSKPECDASPLDYVIQVHNKLLLDIRRYIKKYYSGWLVCEEKTCQNRTRRLPLSFSRNGPICQAC
SKATLRSEYPEKALYTQLCFYRFIFDWDYALEKVVSEQERGHLKKKLFQESENQYKKLKSTVDQVLSRSGYSEVNLSKLF
QTLNTIK
;
A
2 'polydeoxyribonucleotide'
;(DT)(DG)(DT)(DA)(DT)(DG)(DT)(DA)(DT)(DG)(DT)(DA)(DT)(DG)(DT)(DC)(DG)(DC)(DT)(DA)
(DC)(DA)(DA)(DT)(DC)(DG)(DC)(DT)(DA)(DA)(DG)(DT)(DT)(DC)(DA)(DC)(DG)(DC)(DA)(DG)
(DT)(DA)(DT)(DC)(DC)(DT)(DG)(DT)(DA)(DT)(DG)(DT)(DA)(DT)(DG)(DT)(DA)(DT)(DG)
;
C
3 'polydeoxyribonucleotide'
;(GTP)(DG)(DA)(DU)(DA)(DC)(DU)(DG)(DC)(DG)(DT)(DG)(DA)(DA)(DC)(DT)(DT)(DA)(DG)
(DC)(DG)(DA)(DT)(DT)(DG)(DT)(DA)(DG)(DOC)
;
D
#
# COMPACT_ATOMS: atom_id res chain seq x y z
N GLN A 8 -34.28 16.63 17.31
CA GLN A 8 -33.57 15.86 18.32
C GLN A 8 -32.47 15.01 17.69
N VAL A 9 -32.59 14.79 16.38
CA VAL A 9 -31.61 14.00 15.65
C VAL A 9 -30.30 14.78 15.56
N PHE A 10 -29.23 14.11 15.15
CA PHE A 10 -27.91 14.72 15.08
C PHE A 10 -27.16 14.07 13.93
N ARG A 11 -27.05 14.78 12.82
CA ARG A 11 -26.48 14.24 11.59
C ARG A 11 -25.04 14.71 11.44
N PHE A 12 -24.13 13.76 11.28
CA PHE A 12 -22.72 14.09 11.13
C PHE A 12 -22.05 13.04 10.25
N TYR A 13 -20.89 13.42 9.70
CA TYR A 13 -20.13 12.61 8.76
C TYR A 13 -18.87 12.13 9.48
N TRP A 14 -18.85 10.85 9.87
CA TRP A 14 -17.73 10.32 10.62
C TRP A 14 -16.59 9.93 9.70
N LEU A 15 -15.37 10.23 10.13
CA LEU A 15 -14.17 9.96 9.35
C LEU A 15 -13.22 8.97 10.02
N ASP A 16 -13.03 9.06 11.33
CA ASP A 16 -12.10 8.21 12.05
C ASP A 16 -12.73 7.75 13.35
N ALA A 17 -12.32 6.56 13.80
CA ALA A 17 -12.80 5.97 15.03
C ALA A 17 -11.62 5.52 15.87
N TYR A 18 -11.69 5.79 17.18
CA TYR A 18 -10.62 5.45 18.10
C TYR A 18 -11.21 4.73 19.31
N GLU A 19 -10.56 3.64 19.71
CA GLU A 19 -10.96 2.89 20.90
C GLU A 19 -9.73 2.54 21.71
N ASP A 20 -9.87 2.62 23.03
CA ASP A 20 -8.82 2.24 23.97
C ASP A 20 -9.34 1.06 24.79
N GLN A 21 -8.85 -0.13 24.45
CA GLN A 21 -9.41 -1.35 25.03
C GLN A 21 -9.22 -1.39 26.54
N TYR A 22 -8.16 -0.77 27.06
CA TYR A 22 -7.83 -0.83 28.47
C TYR A 22 -8.35 0.36 29.26
N SER A 23 -8.11 1.58 28.77
CA SER A 23 -8.51 2.77 29.52
C SER A 23 -10.03 2.81 29.70
N GLN A 24 -10.76 2.90 28.60
CA GLN A 24 -12.22 2.97 28.64
C GLN A 24 -12.79 1.73 27.96
N PRO A 25 -13.37 0.78 28.69
CA PRO A 25 -13.89 -0.42 28.05
C PRO A 25 -15.29 -0.19 27.49
N GLY A 26 -15.51 -0.66 26.27
CA GLY A 26 -16.79 -0.52 25.61
C GLY A 26 -17.16 0.90 25.26
N VAL A 27 -16.19 1.71 24.85
CA VAL A 27 -16.43 3.07 24.41
C VAL A 27 -15.63 3.33 23.15
N VAL A 28 -16.27 3.92 22.14
CA VAL A 28 -15.64 4.23 20.86
C VAL A 28 -15.96 5.67 20.52
N TYR A 29 -14.95 6.43 20.11
CA TYR A 29 -15.12 7.82 19.73
C TYR A 29 -15.06 7.94 18.21
N LEU A 30 -16.08 8.56 17.62
CA LEU A 30 -16.14 8.81 16.20
C LEU A 30 -15.94 10.30 15.96
N PHE A 31 -14.97 10.64 15.12
CA PHE A 31 -14.64 12.02 14.81
C PHE A 31 -15.10 12.33 13.40
N GLY A 32 -15.76 13.47 13.22
CA GLY A 32 -16.34 13.79 11.94
C GLY A 32 -16.76 15.24 11.85
N LYS A 33 -17.58 15.52 10.84
CA LYS A 33 -18.02 16.86 10.52
C LYS A 33 -19.52 17.00 10.78
N VAL A 34 -19.91 18.14 11.33
CA VAL A 34 -21.32 18.48 11.55
C VAL A 34 -21.56 19.89 11.02
N TRP A 35 -22.69 20.06 10.33
CA TRP A 35 -23.04 21.36 9.77
C TRP A 35 -23.67 22.22 10.85
N ILE A 36 -23.05 23.37 11.13
CA ILE A 36 -23.59 24.36 12.05
C ILE A 36 -24.08 25.52 11.21
N GLU A 37 -25.39 25.75 11.21
CA GLU A 37 -25.96 26.77 10.34
C GLU A 37 -25.43 28.15 10.68
N SER A 38 -25.33 28.48 11.97
CA SER A 38 -24.88 29.80 12.36
C SER A 38 -23.52 30.12 11.76
N ALA A 39 -22.58 29.16 11.83
CA ALA A 39 -21.24 29.38 11.30
C ALA A 39 -21.18 29.21 9.79
N ASP A 40 -22.23 28.67 9.16
CA ASP A 40 -22.25 28.50 7.71
C ASP A 40 -21.06 27.67 7.23
N ALA A 41 -20.69 26.66 8.00
CA ALA A 41 -19.60 25.77 7.64
C ALA A 41 -19.66 24.54 8.52
N TYR A 42 -18.92 23.51 8.13
CA TYR A 42 -18.82 22.30 8.92
C TYR A 42 -17.79 22.49 10.03
N VAL A 43 -18.05 21.85 11.17
CA VAL A 43 -17.18 21.93 12.33
C VAL A 43 -16.91 20.52 12.83
N SER A 44 -15.67 20.27 13.25
CA SER A 44 -15.31 18.96 13.76
C SER A 44 -16.16 18.60 14.97
N CYS A 45 -16.63 17.36 15.01
CA CYS A 45 -17.44 16.88 16.10
C CYS A 45 -16.96 15.50 16.52
N CYS A 46 -17.11 15.20 17.81
CA CYS A 46 -16.73 13.92 18.38
C CYS A 46 -17.93 13.30 19.08
N VAL A 47 -18.20 12.03 18.78
CA VAL A 47 -19.33 11.31 19.35
C VAL A 47 -18.79 10.09 20.09
N SER A 48 -19.19 9.92 21.34
CA SER A 48 -18.75 8.81 22.18
C SER A 48 -19.89 7.79 22.27
N VAL A 49 -19.75 6.68 21.57
CA VAL A 49 -20.73 5.60 21.60
C VAL A 49 -20.36 4.68 22.74
N LYS A 50 -21.09 4.78 23.84
CA LYS A 50 -20.79 4.03 25.06
C LYS A 50 -21.62 2.77 25.15
N ASN A 51 -21.31 1.96 26.15
CA ASN A 51 -22.09 0.76 26.48
C ASN A 51 -22.18 -0.18 25.28
N ILE A 52 -21.07 -0.38 24.59
CA ILE A 52 -21.01 -1.37 23.52
C ILE A 52 -20.80 -2.73 24.16
N GLU A 53 -21.89 -3.42 24.45
CA GLU A 53 -21.80 -4.71 25.13
C GLU A 53 -21.09 -5.73 24.25
N ARG A 54 -20.40 -6.67 24.89
CA ARG A 54 -19.66 -7.70 24.18
C ARG A 54 -20.52 -8.95 24.05
N THR A 55 -20.53 -9.54 22.86
CA THR A 55 -21.40 -10.66 22.53
C THR A 55 -20.58 -11.92 22.35
N VAL A 56 -21.05 -13.01 22.96
CA VAL A 56 -20.41 -14.31 22.86
C VAL A 56 -21.47 -15.33 22.46
N TYR A 57 -21.16 -16.14 21.45
CA TYR A 57 -22.06 -17.18 20.98
C TYR A 57 -21.56 -18.53 21.49
N LEU A 58 -22.47 -19.30 22.09
CA LEU A 58 -22.15 -20.61 22.64
C LEU A 58 -22.76 -21.68 21.75
N LEU A 59 -21.98 -22.70 21.43
CA LEU A 59 -22.43 -23.77 20.55
C LEU A 59 -22.77 -24.99 21.38
N PRO A 60 -24.03 -25.38 21.49
CA PRO A 60 -24.38 -26.50 22.36
C PRO A 60 -23.94 -27.84 21.79
N ARG A 61 -23.80 -28.80 22.70
CA ARG A 61 -23.51 -30.17 22.32
C ARG A 61 -24.79 -30.90 21.93
N GLU A 62 -24.62 -32.04 21.26
CA GLU A 62 -25.77 -32.90 20.97
C GLU A 62 -26.20 -33.65 22.22
N ASN A 63 -25.24 -34.04 23.06
CA ASN A 63 -25.52 -34.73 24.30
C ASN A 63 -24.59 -34.23 25.39
N ARG A 64 -25.06 -34.31 26.63
CA ARG A 64 -24.26 -33.84 27.76
C ARG A 64 -22.98 -34.65 27.87
N VAL A 65 -21.89 -33.98 28.24
CA VAL A 65 -20.57 -34.60 28.37
C VAL A 65 -19.99 -34.22 29.72
N GLN A 66 -19.47 -35.21 30.45
CA GLN A 66 -18.78 -34.93 31.69
C GLN A 66 -17.49 -34.16 31.42
N LEU A 67 -17.20 -33.16 32.25
CA LEU A 67 -16.08 -32.28 31.98
C LEU A 67 -14.74 -33.01 32.06
N SER A 68 -14.54 -33.78 33.13
CA SER A 68 -13.27 -34.46 33.34
C SER A 68 -13.29 -35.88 32.79
N THR A 69 -14.37 -36.63 33.02
CA THR A 69 -14.46 -37.99 32.53
C THR A 69 -14.52 -38.05 31.01
N GLY A 70 -14.87 -36.96 30.34
CA GLY A 70 -15.00 -36.99 28.89
C GLY A 70 -16.01 -38.00 28.42
N LYS A 71 -17.12 -38.13 29.14
CA LYS A 71 -18.13 -39.13 28.86
C LYS A 71 -19.15 -38.57 27.86
N ASP A 72 -20.24 -39.32 27.64
CA ASP A 72 -21.38 -38.86 26.86
C ASP A 72 -22.63 -39.42 27.56
N THR A 73 -23.21 -38.60 28.44
CA THR A 73 -24.31 -39.08 29.27
C THR A 73 -25.50 -39.51 28.42
N GLY A 74 -25.80 -38.75 27.37
CA GLY A 74 -26.91 -39.06 26.48
C GLY A 74 -28.12 -38.17 26.67
N ALA A 75 -28.17 -37.39 27.74
CA ALA A 75 -29.31 -36.50 27.94
C ALA A 75 -29.29 -35.42 26.87
N PRO A 76 -30.36 -35.26 26.09
CA PRO A 76 -30.34 -34.23 25.03
C PRO A 76 -30.10 -32.85 25.62
N VAL A 77 -29.37 -32.04 24.86
CA VAL A 77 -28.99 -30.69 25.28
C VAL A 77 -29.81 -29.71 24.48
N SER A 78 -30.68 -28.98 25.16
CA SER A 78 -31.42 -27.86 24.59
C SER A 78 -30.83 -26.56 25.10
N MET A 79 -31.29 -25.45 24.53
CA MET A 79 -30.78 -24.14 24.94
C MET A 79 -31.10 -23.85 26.40
N MET A 80 -32.13 -24.50 26.95
CA MET A 80 -32.42 -24.32 28.37
C MET A 80 -31.27 -24.81 29.23
N HIS A 81 -30.71 -25.98 28.89
CA HIS A 81 -29.58 -26.49 29.64
C HIS A 81 -28.36 -25.58 29.49
N VAL A 82 -28.15 -25.03 28.29
CA VAL A 82 -27.01 -24.13 28.09
C VAL A 82 -27.19 -22.89 28.96
N TYR A 83 -28.39 -22.32 28.99
CA TYR A 83 -28.63 -21.15 29.80
C TYR A 83 -28.45 -21.46 31.28
N GLN A 84 -28.94 -22.61 31.74
CA GLN A 84 -28.78 -22.97 33.14
C GLN A 84 -27.31 -23.13 33.49
N GLU A 85 -26.54 -23.76 32.61
CA GLU A 85 -25.11 -23.91 32.87
C GLU A 85 -24.42 -22.56 32.92
N PHE A 86 -24.72 -21.67 31.98
CA PHE A 86 -24.08 -20.36 32.00
C PHE A 86 -24.50 -19.55 33.22
N ASN A 87 -25.72 -19.75 33.70
CA ASN A 87 -26.19 -19.02 34.87
C ASN A 87 -25.59 -19.55 36.16
N GLU A 88 -25.34 -20.85 36.24
CA GLU A 88 -24.87 -21.47 37.48
C GLU A 88 -23.35 -21.53 37.54
N ALA A 89 -22.73 -22.20 36.55
CA ALA A 89 -21.29 -22.43 36.60
C ALA A 89 -20.50 -21.23 36.11
N VAL A 90 -20.71 -20.84 34.85
CA VAL A 90 -19.82 -19.88 34.20
C VAL A 90 -19.95 -18.50 34.85
N ALA A 91 -21.19 -18.04 35.04
CA ALA A 91 -21.38 -16.70 35.59
C ALA A 91 -20.77 -16.58 36.98
N GLU A 92 -20.99 -17.58 37.83
CA GLU A 92 -20.39 -17.56 39.15
C GLU A 92 -18.87 -17.64 39.08
N LYS A 93 -18.34 -18.48 38.20
CA LYS A 93 -16.90 -18.69 38.14
C LYS A 93 -16.17 -17.42 37.69
N TYR A 94 -16.69 -16.75 36.67
CA TYR A 94 -15.99 -15.63 36.05
C TYR A 94 -16.50 -14.28 36.52
N LYS A 95 -17.35 -14.24 37.53
CA LYS A 95 -17.80 -12.99 38.13
C LYS A 95 -18.46 -12.09 37.08
N ILE A 96 -19.57 -12.58 36.54
CA ILE A 96 -20.43 -11.81 35.65
C ILE A 96 -21.78 -11.67 36.34
N MET A 97 -22.21 -10.43 36.54
CA MET A 97 -23.42 -10.16 37.32
C MET A 97 -24.67 -10.17 36.47
N LYS A 98 -24.74 -9.34 35.44
CA LYS A 98 -25.91 -9.21 34.60
C LYS A 98 -25.56 -9.55 33.16
N PHE A 99 -26.41 -10.34 32.51
CA PHE A 99 -26.23 -10.71 31.12
C PHE A 99 -27.60 -11.00 30.51
N LYS A 100 -27.72 -10.72 29.22
CA LYS A 100 -28.95 -10.97 28.46
C LYS A 100 -28.69 -12.09 27.48
N SER A 101 -29.55 -13.11 27.53
CA SER A 101 -29.38 -14.32 26.74
C SER A 101 -30.56 -14.52 25.81
N LYS A 102 -30.27 -14.91 24.57
CA LYS A 102 -31.29 -15.24 23.60
C LYS A 102 -30.76 -16.33 22.68
N LYS A 103 -31.68 -17.07 22.08
CA LYS A 103 -31.34 -18.13 21.14
C LYS A 103 -31.29 -17.56 19.73
N VAL A 104 -30.21 -17.85 19.02
CA VAL A 104 -30.00 -17.34 17.66
C VAL A 104 -29.57 -18.49 16.78
N ASP A 105 -30.15 -18.56 15.59
CA ASP A 105 -29.76 -19.54 14.58
C ASP A 105 -28.73 -18.88 13.66
N LYS A 106 -27.50 -19.37 13.68
CA LYS A 106 -26.40 -18.77 12.94
C LYS A 106 -25.66 -19.85 12.17
N ASP A 107 -25.08 -19.45 11.04
CA ASP A 107 -24.33 -20.34 10.17
C ASP A 107 -22.83 -20.18 10.41
N TYR A 108 -22.07 -21.16 9.94
CA TYR A 108 -20.64 -21.19 10.18
C TYR A 108 -19.97 -22.09 9.15
N ALA A 109 -18.98 -21.55 8.44
CA ALA A 109 -18.19 -22.36 7.51
C ALA A 109 -16.77 -21.78 7.53
N PHE A 110 -15.94 -22.32 8.41
CA PHE A 110 -14.57 -21.86 8.58
C PHE A 110 -13.77 -23.00 9.21
N GLU A 111 -12.56 -22.69 9.68
CA GLU A 111 -11.61 -23.71 10.12
C GLU A 111 -11.66 -23.87 11.64
N ILE A 112 -12.70 -24.54 12.09
CA ILE A 112 -12.79 -25.01 13.47
C ILE A 112 -13.53 -26.34 13.44
N PRO A 113 -12.87 -27.47 13.74
CA PRO A 113 -13.50 -28.77 13.54
C PRO A 113 -14.69 -28.99 14.47
N ASP A 114 -15.65 -29.77 13.97
CA ASP A 114 -16.82 -30.19 14.75
C ASP A 114 -17.79 -29.04 14.99
N VAL A 115 -17.85 -28.08 14.08
CA VAL A 115 -18.81 -26.98 14.14
C VAL A 115 -19.75 -27.12 12.94
N PRO A 116 -21.04 -27.37 13.14
CA PRO A 116 -21.92 -27.60 11.99
C PRO A 116 -22.10 -26.35 11.15
N ALA A 117 -22.51 -26.57 9.89
CA ALA A 117 -22.71 -25.46 8.97
C ALA A 117 -23.79 -24.51 9.49
N SER A 118 -24.89 -25.05 10.00
CA SER A 118 -25.96 -24.26 10.59
C SER A 118 -26.35 -24.90 11.92
N SER A 119 -26.53 -24.09 12.95
CA SER A 119 -26.88 -24.59 14.26
C SER A 119 -27.45 -23.47 15.10
N GLU A 120 -27.94 -23.83 16.28
CA GLU A 120 -28.53 -22.88 17.22
C GLU A 120 -27.48 -22.50 18.25
N TYR A 121 -27.36 -21.20 18.52
CA TYR A 121 -26.39 -20.67 19.46
C TYR A 121 -27.12 -19.84 20.52
N LEU A 122 -26.45 -19.66 21.66
CA LEU A 122 -26.97 -18.86 22.77
C LEU A 122 -26.17 -17.57 22.80
N GLU A 123 -26.65 -16.55 22.09
CA GLU A 123 -26.01 -15.25 22.10
C GLU A 123 -26.14 -14.64 23.49
N VAL A 124 -25.01 -14.32 24.12
CA VAL A 124 -24.96 -13.74 25.45
C VAL A 124 -24.22 -12.42 25.37
N ARG A 125 -24.81 -11.37 25.93
CA ARG A 125 -24.20 -10.05 25.98
C ARG A 125 -24.09 -9.59 27.43
N TYR A 126 -22.98 -8.93 27.75
CA TYR A 126 -22.79 -8.35 29.06
C TYR A 126 -21.81 -7.18 28.94
N SER A 127 -21.77 -6.36 29.98
CA SER A 127 -21.01 -5.12 29.93
C SER A 127 -19.55 -5.39 29.61
N ALA A 128 -18.95 -4.49 28.82
CA ALA A 128 -17.54 -4.61 28.48
C ALA A 128 -16.63 -4.45 29.69
N ASP A 129 -17.14 -3.95 30.81
CA ASP A 129 -16.33 -3.86 32.02
C ASP A 129 -16.13 -5.23 32.65
N SER A 130 -17.07 -6.15 32.44
CA SER A 130 -16.98 -7.47 33.04
C SER A 130 -15.82 -8.26 32.42
N PRO A 131 -15.32 -9.25 33.13
CA PRO A 131 -14.17 -10.01 32.62
C PRO A 131 -14.50 -10.76 31.35
N GLN A 132 -13.46 -10.98 30.53
CA GLN A 132 -13.60 -11.66 29.25
C GLN A 132 -13.40 -13.15 29.43
N LEU A 133 -14.30 -13.94 28.84
CA LEU A 133 -14.21 -15.38 28.95
C LEU A 133 -13.01 -15.89 28.15
N PRO A 134 -12.44 -17.03 28.56
CA PRO A 134 -11.31 -17.58 27.81
C PRO A 134 -11.73 -18.08 26.44
N GLN A 135 -10.78 -18.06 25.51
CA GLN A 135 -11.07 -18.45 24.14
C GLN A 135 -11.36 -19.94 24.03
N ASP A 136 -10.79 -20.75 24.92
CA ASP A 136 -10.95 -22.21 24.87
C ASP A 136 -12.01 -22.69 25.86
N LEU A 137 -12.97 -21.85 26.20
CA LEU A 137 -13.97 -22.23 27.18
C LEU A 137 -14.81 -23.40 26.67
N LYS A 138 -15.08 -24.34 27.57
CA LYS A 138 -15.92 -25.49 27.25
C LYS A 138 -16.73 -25.84 28.48
N GLY A 139 -17.73 -26.70 28.29
CA GLY A 139 -18.58 -27.09 29.40
C GLY A 139 -19.34 -28.35 29.05
N GLU A 140 -20.14 -28.80 30.02
CA GLU A 140 -20.94 -30.01 29.82
C GLU A 140 -21.97 -29.83 28.72
N THR A 141 -22.33 -28.59 28.39
CA THR A 141 -23.45 -28.33 27.50
C THR A 141 -23.07 -27.57 26.24
N PHE A 142 -21.90 -26.95 26.17
CA PHE A 142 -21.44 -26.27 24.98
C PHE A 142 -19.99 -26.65 24.69
N SER A 143 -19.66 -26.70 23.40
CA SER A 143 -18.35 -27.14 22.96
C SER A 143 -17.47 -26.01 22.44
N HIS A 144 -17.93 -24.77 22.48
CA HIS A 144 -17.14 -23.66 21.94
C HIS A 144 -17.84 -22.35 22.28
N VAL A 145 -17.04 -21.31 22.45
CA VAL A 145 -17.54 -19.95 22.67
C VAL A 145 -16.83 -19.02 21.70
N PHE A 146 -17.60 -18.20 21.01
CA PHE A 146 -17.08 -17.32 19.98
C PHE A 146 -17.13 -15.87 20.43
N GLY A 147 -16.38 -15.02 19.72
CA GLY A 147 -16.45 -13.60 19.96
C GLY A 147 -15.99 -13.15 21.31
N THR A 148 -15.22 -13.97 22.02
CA THR A 148 -14.77 -13.60 23.36
C THR A 148 -13.85 -12.39 23.31
N ASN A 149 -13.01 -12.30 22.29
CA ASN A 149 -12.00 -11.25 22.17
C ASN A 149 -12.34 -10.24 21.07
N THR A 150 -13.63 -10.04 20.81
CA THR A 150 -14.03 -9.11 19.76
C THR A 150 -13.85 -7.67 20.24
N SER A 151 -13.19 -6.85 19.43
CA SER A 151 -12.98 -5.46 19.77
C SER A 151 -14.30 -4.70 19.75
N SER A 152 -14.42 -3.73 20.65
CA SER A 152 -15.65 -2.94 20.71
C SER A 152 -15.88 -2.19 19.41
N LEU A 153 -14.82 -1.66 18.81
CA LEU A 153 -14.96 -0.98 17.53
C LEU A 153 -15.49 -1.93 16.47
N GLU A 154 -14.95 -3.15 16.40
CA GLU A 154 -15.41 -4.10 15.41
C GLU A 154 -16.86 -4.50 15.66
N LEU A 155 -17.22 -4.73 16.92
CA LEU A 155 -18.59 -5.07 17.24
C LEU A 155 -19.54 -3.96 16.82
N PHE A 156 -19.17 -2.71 17.12
CA PHE A 156 -20.01 -1.59 16.73
C PHE A 156 -20.15 -1.49 15.21
N LEU A 157 -19.03 -1.58 14.49
CA LEU A 157 -19.07 -1.42 13.05
C LEU A 157 -19.89 -2.50 12.39
N LEU A 158 -19.75 -3.75 12.84
CA LEU A 158 -20.51 -4.83 12.24
C LEU A 158 -21.97 -4.84 12.66
N SER A 159 -22.27 -4.37 13.87
CA SER A 159 -23.66 -4.37 14.34
C SER A 159 -24.45 -3.25 13.67
N ARG A 160 -23.85 -2.08 13.52
CA ARG A 160 -24.52 -0.95 12.89
C ARG A 160 -24.28 -0.87 11.39
N LYS A 161 -23.57 -1.85 10.82
CA LYS A 161 -23.38 -1.95 9.37
C LYS A 161 -22.79 -0.66 8.81
N ILE A 162 -21.83 -0.09 9.53
CA ILE A 162 -21.09 1.08 9.07
C ILE A 162 -19.92 0.59 8.23
N LYS A 163 -19.83 1.10 7.00
CA LYS A 163 -18.82 0.67 6.04
C LYS A 163 -18.08 1.91 5.55
N GLY A 164 -17.04 2.29 6.27
CA GLY A 164 -16.21 3.40 5.89
C GLY A 164 -16.88 4.73 6.18
N PRO A 165 -16.20 5.83 5.84
CA PRO A 165 -16.80 7.15 6.06
C PRO A 165 -18.13 7.27 5.34
N SER A 166 -19.10 7.87 6.03
CA SER A 166 -20.45 8.04 5.52
C SER A 166 -21.24 8.84 6.55
N TRP A 167 -22.42 9.29 6.14
CA TRP A 167 -23.28 10.06 7.03
C TRP A 167 -23.94 9.15 8.06
N LEU A 168 -24.02 9.64 9.29
CA LEU A 168 -24.63 8.91 10.39
C LEU A 168 -25.71 9.77 11.02
N GLU A 169 -26.77 9.12 11.50
CA GLU A 169 -27.85 9.79 12.21
C GLU A 169 -27.89 9.26 13.62
N ILE A 170 -27.83 10.17 14.60
CA ILE A 170 -27.83 9.82 16.01
C ILE A 170 -29.17 10.22 16.60
N LYS A 171 -29.74 9.35 17.42
CA LYS A 171 -31.04 9.59 18.04
C LYS A 171 -30.86 9.93 19.50
N SER A 172 -31.47 11.04 19.93
CA SER A 172 -31.49 11.44 21.32
C SER A 172 -30.08 11.55 21.89
N PRO A 173 -29.20 12.36 21.29
CA PRO A 173 -27.87 12.54 21.86
C PRO A 173 -27.91 13.30 23.17
N GLN A 174 -26.95 13.01 24.04
CA GLN A 174 -26.78 13.69 25.30
C GLN A 174 -25.49 14.51 25.28
N LEU A 175 -25.35 15.39 26.27
CA LEU A 175 -24.21 16.28 26.35
C LEU A 175 -23.23 15.78 27.41
N SER A 176 -21.95 16.00 27.15
CA SER A 176 -20.90 15.56 28.07
C SER A 176 -20.83 16.48 29.28
N SER A 177 -20.62 15.87 30.45
CA SER A 177 -20.53 16.65 31.68
C SER A 177 -19.38 17.66 31.59
N GLN A 178 -18.20 17.18 31.23
CA GLN A 178 -17.04 18.03 31.00
C GLN A 178 -16.44 17.69 29.65
N PRO A 179 -15.78 18.66 29.01
CA PRO A 179 -15.24 18.39 27.66
C PRO A 179 -14.31 17.19 27.68
N MET A 180 -14.41 16.37 26.63
CA MET A 180 -13.58 15.20 26.48
C MET A 180 -12.83 15.17 25.15
N SER A 181 -12.96 16.20 24.33
CA SER A 181 -12.30 16.23 23.03
C SER A 181 -11.92 17.66 22.71
N TRP A 182 -10.96 17.81 21.80
CA TRP A 182 -10.51 19.11 21.33
C TRP A 182 -11.35 19.61 20.16
N CYS A 183 -12.50 19.00 19.90
CA CYS A 183 -13.37 19.39 18.80
C CYS A 183 -14.32 20.49 19.24
N LYS A 184 -15.21 20.89 18.33
CA LYS A 184 -16.15 21.97 18.61
C LYS A 184 -17.48 21.47 19.15
N VAL A 185 -17.94 20.31 18.72
CA VAL A 185 -19.23 19.76 19.16
C VAL A 185 -19.00 18.36 19.68
N GLU A 186 -19.63 18.04 20.80
CA GLU A 186 -19.55 16.72 21.40
C GLU A 186 -20.94 16.17 21.66
N ALA A 187 -21.04 14.85 21.67
CA ALA A 187 -22.31 14.18 21.92
C ALA A 187 -22.03 12.78 22.43
N VAL A 188 -22.85 12.33 23.36
CA VAL A 188 -22.70 11.02 24.00
C VAL A 188 -23.89 10.15 23.59
N VAL A 189 -23.59 8.96 23.08
CA VAL A 189 -24.60 7.98 22.73
C VAL A 189 -24.55 6.87 23.77
N THR A 190 -25.67 6.63 24.45
CA THR A 190 -25.72 5.67 25.54
C THR A 190 -25.86 4.23 25.06
N ARG A 191 -26.21 4.01 23.80
CA ARG A 191 -26.41 2.66 23.29
C ARG A 191 -26.04 2.64 21.82
N PRO A 192 -25.42 1.57 21.33
CA PRO A 192 -25.11 1.51 19.89
C PRO A 192 -26.35 1.57 19.01
N ASP A 193 -27.51 1.17 19.53
CA ASP A 193 -28.74 1.17 18.72
C ASP A 193 -29.11 2.57 18.23
N GLN A 194 -28.59 3.61 18.87
CA GLN A 194 -28.97 4.97 18.54
C GLN A 194 -28.23 5.54 17.33
N VAL A 195 -27.28 4.80 16.77
CA VAL A 195 -26.51 5.25 15.62
C VAL A 195 -27.01 4.51 14.39
N SER A 196 -27.33 5.25 13.34
CA SER A 196 -27.80 4.70 12.08
C SER A 196 -27.02 5.33 10.93
N VAL A 197 -27.18 4.74 9.75
CA VAL A 197 -26.49 5.20 8.55
C VAL A 197 -27.52 5.75 7.58
N VAL A 198 -27.23 6.92 7.01
CA VAL A 198 -28.06 7.52 5.97
C VAL A 198 -27.24 7.59 4.70
N LYS A 199 -27.82 7.10 3.61
CA LYS A 199 -27.12 6.96 2.33
C LYS A 199 -27.58 8.03 1.36
N ASP A 200 -26.89 8.09 0.22
CA ASP A 200 -27.24 8.99 -0.87
C ASP A 200 -27.11 10.46 -0.44
N LEU A 201 -25.91 10.79 0.05
CA LEU A 201 -25.58 12.17 0.38
C LEU A 201 -24.11 12.40 0.11
N ALA A 202 -23.79 13.58 -0.42
CA ALA A 202 -22.42 13.87 -0.79
C ALA A 202 -21.55 14.00 0.46
N PRO A 203 -20.28 13.58 0.39
CA PRO A 203 -19.38 13.80 1.52
C PRO A 203 -19.12 15.28 1.71
N PRO A 204 -18.89 15.72 2.95
CA PRO A 204 -18.61 17.13 3.19
C PRO A 204 -17.13 17.42 3.01
N PRO A 205 -16.78 18.62 2.58
CA PRO A 205 -15.35 18.96 2.45
C PRO A 205 -14.64 18.89 3.80
N VAL A 206 -13.38 18.50 3.76
CA VAL A 206 -12.58 18.32 4.96
C VAL A 206 -11.37 19.24 4.89
N VAL A 207 -10.74 19.45 6.04
CA VAL A 207 -9.57 20.31 6.15
C VAL A 207 -8.32 19.44 6.00
N VAL A 208 -7.43 19.86 5.11
CA VAL A 208 -6.19 19.15 4.84
C VAL A 208 -5.04 20.08 5.20
N LEU A 209 -4.14 19.61 6.07
CA LEU A 209 -2.98 20.38 6.50
C LEU A 209 -1.73 19.62 6.11
N SER A 210 -0.91 20.21 5.24
CA SER A 210 0.34 19.62 4.80
C SER A 210 1.48 20.32 5.53
N LEU A 211 2.27 19.56 6.27
CA LEU A 211 3.34 20.09 7.10
C LEU A 211 4.68 19.51 6.70
N SER A 212 5.69 20.38 6.58
CA SER A 212 7.07 19.99 6.37
C SER A 212 7.93 20.69 7.41
N MET A 213 8.88 19.96 7.98
CA MET A 213 9.72 20.49 9.04
C MET A 213 11.20 20.27 8.71
N LYS A 214 12.04 21.14 9.23
CA LYS A 214 13.48 21.05 9.08
C LYS A 214 14.09 20.92 10.47
N THR A 215 14.97 19.93 10.64
CA THR A 215 15.55 19.61 11.93
C THR A 215 17.06 19.57 11.83
N VAL A 216 17.72 19.93 12.93
CA VAL A 216 19.17 19.83 13.08
C VAL A 216 19.44 18.90 14.25
N GLN A 217 20.26 17.88 14.00
CA GLN A 217 20.54 16.87 15.02
C GLN A 217 21.59 17.37 15.99
N ASN A 218 21.44 17.00 17.25
CA ASN A 218 22.41 17.30 18.29
C ASN A 218 23.29 16.08 18.48
N ALA A 219 24.49 16.10 17.89
CA ALA A 219 25.41 14.97 17.99
C ALA A 219 25.79 14.68 19.43
N LYS A 220 25.65 15.65 20.33
CA LYS A 220 25.91 15.41 21.75
C LYS A 220 24.98 14.33 22.29
N THR A 221 23.69 14.39 21.94
CA THR A 221 22.71 13.44 22.44
C THR A 221 22.01 12.67 21.33
N HIS A 222 22.41 12.87 20.07
CA HIS A 222 21.79 12.16 18.95
C HIS A 222 20.28 12.34 18.95
N GLN A 223 19.83 13.55 19.28
CA GLN A 223 18.42 13.90 19.29
C GLN A 223 18.15 14.94 18.22
N ASN A 224 17.01 14.80 17.53
CA ASN A 224 16.69 15.63 16.38
C ASN A 224 15.83 16.80 16.85
N GLU A 225 16.38 18.01 16.79
CA GLU A 225 15.69 19.21 17.22
C GLU A 225 15.07 19.93 16.04
N ILE A 226 13.84 20.39 16.20
CA ILE A 226 13.10 21.04 15.13
C ILE A 226 13.49 22.51 15.07
N VAL A 227 13.69 23.02 13.86
CA VAL A 227 14.05 24.42 13.66
C VAL A 227 13.11 25.15 12.71
N ALA A 228 12.11 24.46 12.16
CA ALA A 228 11.16 25.11 11.26
C ALA A 228 10.02 24.16 10.97
N ILE A 229 8.82 24.71 10.83
CA ILE A 229 7.64 23.95 10.43
C ILE A 229 6.83 24.83 9.49
N ALA A 230 6.87 24.51 8.20
CA ALA A 230 6.09 25.20 7.18
C ALA A 230 4.87 24.34 6.86
N ALA A 231 3.68 24.89 7.05
CA ALA A 231 2.44 24.14 6.91
C ALA A 231 1.47 24.87 5.99
N LEU A 232 0.81 24.11 5.14
CA LEU A 232 -0.20 24.60 4.21
C LEU A 232 -1.53 23.94 4.52
N VAL A 233 -2.61 24.70 4.48
CA VAL A 233 -3.93 24.21 4.87
C VAL A 233 -4.95 24.62 3.84
N HIS A 234 -5.88 23.72 3.54
CA HIS A 234 -7.06 24.00 2.73
C HIS A 234 -8.29 23.55 3.51
N HIS A 235 -9.25 24.48 3.68
CA HIS A 235 -10.40 24.23 4.54
C HIS A 235 -11.58 23.61 3.82
N THR A 236 -11.55 23.53 2.49
CA THR A 236 -12.67 23.01 1.70
C THR A 236 -12.15 22.01 0.67
N PHE A 237 -11.31 21.10 1.10
CA PHE A 237 -10.77 20.09 0.19
C PHE A 237 -11.84 19.05 -0.09
N PRO A 238 -12.20 18.79 -1.35
CA PRO A 238 -13.24 17.81 -1.64
C PRO A 238 -12.72 16.38 -1.53
N LEU A 239 -13.65 15.46 -1.26
CA LEU A 239 -13.34 14.04 -1.19
C LEU A 239 -14.03 13.24 -2.27
N ASP A 240 -14.78 13.89 -3.17
CA ASP A 240 -15.45 13.22 -4.26
C ASP A 240 -15.28 13.94 -5.60
N LYS A 241 -14.47 14.99 -5.64
CA LYS A 241 -14.24 15.75 -6.87
C LYS A 241 -12.77 15.84 -7.17
N ALA A 242 -12.40 16.65 -8.14
CA ALA A 242 -10.99 16.84 -8.47
C ALA A 242 -10.33 17.75 -7.44
N PRO A 243 -9.02 17.64 -7.25
CA PRO A 243 -8.33 18.53 -6.32
C PRO A 243 -8.45 19.97 -6.75
N PRO A 244 -8.60 20.90 -5.81
CA PRO A 244 -8.71 22.31 -6.17
C PRO A 244 -7.37 22.88 -6.60
N GLN A 245 -7.45 23.97 -7.38
CA GLN A 245 -6.27 24.69 -7.85
C GLN A 245 -6.43 26.16 -7.48
N PRO A 246 -5.55 26.72 -6.65
CA PRO A 246 -4.37 26.12 -6.01
C PRO A 246 -4.77 25.17 -4.88
N PRO A 247 -3.96 24.15 -4.60
CA PRO A 247 -4.36 23.14 -3.61
C PRO A 247 -4.49 23.68 -2.19
N PHE A 248 -3.87 24.81 -1.87
CA PHE A 248 -3.85 25.33 -0.51
C PHE A 248 -4.49 26.72 -0.47
N GLN A 249 -5.18 27.00 0.64
CA GLN A 249 -5.86 28.27 0.85
C GLN A 249 -5.00 29.26 1.64
N THR A 250 -4.50 28.85 2.79
CA THR A 250 -3.64 29.69 3.62
C THR A 250 -2.51 28.83 4.17
N HIS A 251 -1.60 29.46 4.91
CA HIS A 251 -0.41 28.78 5.39
C HIS A 251 0.12 29.51 6.62
N PHE A 252 0.99 28.81 7.36
CA PHE A 252 1.66 29.40 8.50
C PHE A 252 3.04 28.79 8.63
N CYS A 253 4.03 29.62 8.96
CA CYS A 253 5.41 29.18 9.14
C CYS A 253 5.90 29.62 10.51
N VAL A 254 6.66 28.73 11.17
CA VAL A 254 7.26 29.03 12.46
C VAL A 254 8.74 28.67 12.38
N LEU A 255 9.59 29.59 12.84
CA LEU A 255 11.04 29.45 12.71
C LEU A 255 11.68 29.71 14.07
N SER A 256 12.43 28.73 14.56
CA SER A 256 13.12 28.84 15.85
C SER A 256 14.62 28.89 15.65
N LYS A 257 15.34 29.10 16.74
CA LYS A 257 16.79 29.12 16.77
C LYS A 257 17.31 27.93 17.58
N LEU A 258 18.62 27.69 17.46
CA LEU A 258 19.25 26.56 18.12
C LEU A 258 19.47 26.91 19.60
N ASN A 259 20.19 26.04 20.31
CA ASN A 259 20.44 26.26 21.73
C ASN A 259 21.50 27.33 21.95
N ASP A 260 22.51 27.39 21.09
CA ASP A 260 23.63 28.30 21.24
C ASP A 260 23.66 29.41 20.20
N CYS A 261 23.22 29.14 18.97
CA CYS A 261 23.28 30.12 17.91
C CYS A 261 22.29 31.27 18.18
N ILE A 262 22.44 32.34 17.40
CA ILE A 262 21.58 33.50 17.49
C ILE A 262 21.09 33.85 16.09
N PHE A 263 20.01 34.61 16.03
CA PHE A 263 19.44 35.00 14.76
C PHE A 263 20.35 36.00 14.05
N PRO A 264 20.27 36.07 12.73
CA PRO A 264 21.04 37.10 12.01
C PRO A 264 20.73 38.49 12.54
N TYR A 265 21.53 39.46 12.08
CA TYR A 265 21.40 40.83 12.58
C TYR A 265 19.98 41.35 12.40
N ASP A 266 19.51 41.41 11.15
CA ASP A 266 18.22 42.01 10.80
C ASP A 266 17.21 40.96 10.38
N TYR A 267 17.19 39.82 11.06
CA TYR A 267 16.21 38.79 10.75
C TYR A 267 14.79 39.32 10.85
N ASN A 268 14.52 40.13 11.88
CA ASN A 268 13.16 40.61 12.11
C ASN A 268 12.68 41.47 10.96
N GLU A 269 13.51 42.41 10.50
CA GLU A 269 13.10 43.29 9.41
C GLU A 269 12.86 42.50 8.14
N ALA A 270 13.74 41.55 7.82
CA ALA A 270 13.55 40.76 6.61
C ALA A 270 12.29 39.92 6.70
N VAL A 271 12.00 39.33 7.87
CA VAL A 271 10.79 38.54 8.03
C VAL A 271 9.56 39.42 7.85
N LYS A 272 9.58 40.61 8.44
CA LYS A 272 8.44 41.52 8.28
C LYS A 272 8.25 41.90 6.82
N GLN A 273 9.35 42.17 6.11
CA GLN A 273 9.25 42.51 4.69
C GLN A 273 8.76 41.33 3.87
N LYS A 274 9.01 40.10 4.34
CA LYS A 274 8.58 38.93 3.59
C LYS A 274 7.06 38.90 3.41
N ASN A 275 6.32 39.51 4.33
CA ASN A 275 4.87 39.64 4.26
C ASN A 275 4.14 38.32 4.49
N ALA A 276 4.83 37.27 4.92
CA ALA A 276 4.22 35.98 5.18
C ALA A 276 3.90 35.84 6.66
N ASN A 277 3.13 34.80 6.99
CA ASN A 277 2.72 34.53 8.37
C ASN A 277 3.84 33.80 9.12
N ILE A 278 5.01 34.43 9.14
CA ILE A 278 6.18 33.89 9.81
C ILE A 278 6.13 34.31 11.28
N GLU A 279 6.28 33.33 12.16
CA GLU A 279 6.39 33.58 13.59
C GLU A 279 7.73 33.05 14.06
N ILE A 280 8.57 33.95 14.58
CA ILE A 280 9.91 33.58 15.05
C ILE A 280 9.79 33.21 16.52
N ALA A 281 10.02 31.92 16.82
CA ALA A 281 9.96 31.42 18.18
C ALA A 281 11.36 31.39 18.78
N LEU A 282 11.52 32.01 19.95
CA LEU A 282 12.84 32.07 20.57
C LEU A 282 13.38 30.69 20.89
N THR A 283 12.52 29.80 21.40
CA THR A 283 12.93 28.48 21.84
C THR A 283 12.05 27.42 21.19
N GLU A 284 12.59 26.20 21.12
CA GLU A 284 11.83 25.10 20.56
C GLU A 284 10.56 24.85 21.34
N ARG A 285 10.57 25.13 22.64
CA ARG A 285 9.35 24.99 23.45
C ARG A 285 8.24 25.87 22.89
N THR A 286 8.56 27.15 22.64
CA THR A 286 7.57 28.06 22.08
C THR A 286 7.16 27.65 20.68
N LEU A 287 8.10 27.13 19.88
CA LEU A 287 7.77 26.70 18.54
C LEU A 287 6.76 25.56 18.57
N LEU A 288 7.00 24.56 19.42
CA LEU A 288 6.07 23.45 19.54
C LEU A 288 4.73 23.91 20.08
N GLY A 289 4.74 24.82 21.05
CA GLY A 289 3.47 25.35 21.55
C GLY A 289 2.69 26.06 20.46
N PHE A 290 3.36 26.87 19.66
CA PHE A 290 2.70 27.56 18.57
C PHE A 290 2.14 26.58 17.55
N PHE A 291 2.92 25.55 17.21
CA PHE A 291 2.43 24.56 16.25
C PHE A 291 1.20 23.84 16.79
N LEU A 292 1.22 23.47 18.07
CA LEU A 292 0.08 22.78 18.64
C LEU A 292 -1.15 23.68 18.69
N ALA A 293 -0.97 24.95 19.04
CA ALA A 293 -2.08 25.90 19.04
C ALA A 293 -2.63 26.08 17.63
N LYS A 294 -1.75 26.14 16.63
CA LYS A 294 -2.21 26.28 15.25
C LYS A 294 -2.99 25.04 14.80
N ILE A 295 -2.50 23.85 15.16
CA ILE A 295 -3.22 22.62 14.80
C ILE A 295 -4.59 22.61 15.47
N HIS A 296 -4.65 23.04 16.73
CA HIS A 296 -5.91 23.11 17.43
C HIS A 296 -6.87 24.08 16.75
N LYS A 297 -6.38 25.25 16.36
CA LYS A 297 -7.23 26.23 15.71
C LYS A 297 -7.76 25.71 14.38
N ILE A 298 -6.86 25.24 13.51
CA ILE A 298 -7.28 24.71 12.22
C ILE A 298 -8.12 23.45 12.41
N ASP A 299 -7.70 22.58 13.32
CA ASP A 299 -8.39 21.32 13.55
C ASP A 299 -8.38 20.48 12.28
N PRO A 300 -7.21 20.26 11.68
CA PRO A 300 -7.18 19.51 10.41
C PRO A 300 -7.70 18.10 10.59
N ASP A 301 -8.41 17.62 9.58
CA ASP A 301 -8.90 16.25 9.58
C ASP A 301 -7.96 15.29 8.87
N VAL A 302 -7.16 15.79 7.94
CA VAL A 302 -6.23 14.97 7.16
C VAL A 302 -4.89 15.68 7.17
N ILE A 303 -3.98 15.25 8.03
CA ILE A 303 -2.64 15.80 8.09
C ILE A 303 -1.75 14.98 7.16
N VAL A 304 -1.12 15.64 6.19
CA VAL A 304 -0.33 14.97 5.18
C VAL A 304 1.13 15.38 5.32
N GLY A 305 2.02 14.47 4.92
CA GLY A 305 3.44 14.74 4.98
C GLY A 305 4.20 13.59 4.36
N HIS A 306 5.51 13.76 4.29
CA HIS A 306 6.42 12.72 3.81
C HIS A 306 7.17 12.14 5.00
N ASP A 307 7.15 10.82 5.12
CA ASP A 307 7.71 10.13 6.28
C ASP A 307 7.10 10.67 7.57
N ILE A 308 5.81 11.00 7.51
CA ILE A 308 5.13 11.52 8.68
C ILE A 308 5.04 10.45 9.76
N TYR A 309 4.79 9.21 9.37
CA TYR A 309 4.63 8.13 10.34
C TYR A 309 5.97 7.70 10.93
N GLY A 310 7.06 7.84 10.17
CA GLY A 310 8.33 7.34 10.61
C GLY A 310 9.22 8.38 11.26
N PHE A 311 9.25 9.59 10.69
CA PHE A 311 10.15 10.64 11.14
C PHE A 311 9.42 11.83 11.75
N ASP A 312 8.48 12.42 11.02
CA ASP A 312 7.92 13.72 11.41
C ASP A 312 7.21 13.62 12.76
N LEU A 313 6.19 12.77 12.86
CA LEU A 313 5.39 12.70 14.07
C LEU A 313 6.22 12.19 15.24
N GLU A 314 7.10 11.23 14.99
CA GLU A 314 7.94 10.70 16.06
C GLU A 314 8.84 11.79 16.63
N VAL A 315 9.48 12.57 15.75
CA VAL A 315 10.33 13.66 16.21
C VAL A 315 9.50 14.69 16.96
N LEU A 316 8.32 15.02 16.43
CA LEU A 316 7.47 16.01 17.08
C LEU A 316 7.13 15.57 18.50
N LEU A 317 6.68 14.33 18.66
CA LEU A 317 6.29 13.86 19.98
C LEU A 317 7.49 13.76 20.91
N GLN A 318 8.64 13.29 20.39
CA GLN A 318 9.83 13.18 21.24
C GLN A 318 10.25 14.54 21.75
N ARG A 319 10.25 15.55 20.89
CA ARG A 319 10.64 16.89 21.33
C ARG A 319 9.60 17.50 22.24
N ILE A 320 8.31 17.21 22.02
CA ILE A 320 7.28 17.67 22.94
C ILE A 320 7.53 17.10 24.33
N ASN A 321 7.83 15.80 24.39
CA ASN A 321 8.11 15.18 25.69
C ASN A 321 9.36 15.76 26.33
N SER A 322 10.42 15.96 25.54
CA SER A 322 11.67 16.45 26.10
C SER A 322 11.52 17.87 26.65
N CYS A 323 10.89 18.76 25.89
CA CYS A 323 10.73 20.14 26.31
C CYS A 323 9.57 20.34 27.28
N LYS A 324 8.73 19.33 27.47
CA LYS A 324 7.59 19.43 28.35
C LYS A 324 6.63 20.53 27.90
N VAL A 325 6.13 20.39 26.68
CA VAL A 325 5.10 21.28 26.16
C VAL A 325 3.77 20.79 26.73
N PRO A 326 3.00 21.63 27.41
CA PRO A 326 1.90 21.13 28.26
C PRO A 326 0.86 20.28 27.55
N PHE A 327 0.19 20.83 26.55
CA PHE A 327 -0.97 20.17 25.93
C PHE A 327 -0.52 19.41 24.70
N TRP A 328 -0.04 18.19 24.92
CA TRP A 328 0.39 17.35 23.80
C TRP A 328 -0.80 16.79 23.03
N SER A 329 -1.88 16.47 23.73
CA SER A 329 -3.01 15.80 23.11
C SER A 329 -3.69 16.65 22.05
N LYS A 330 -3.37 17.95 21.98
CA LYS A 330 -3.90 18.78 20.91
C LYS A 330 -3.40 18.32 19.55
N ILE A 331 -2.35 17.50 19.50
CA ILE A 331 -1.94 16.90 18.23
C ILE A 331 -3.00 15.96 17.70
N GLY A 332 -3.88 15.45 18.56
CA GLY A 332 -4.98 14.62 18.13
C GLY A 332 -6.31 15.33 18.32
N ARG A 333 -7.34 14.59 18.75
CA ARG A 333 -8.64 15.18 19.02
C ARG A 333 -9.23 14.79 20.37
N LEU A 334 -8.64 13.83 21.08
CA LEU A 334 -9.09 13.45 22.41
C LEU A 334 -8.24 14.14 23.46
N ARG A 335 -8.79 14.24 24.67
CA ARG A 335 -8.10 14.80 25.81
C ARG A 335 -7.48 13.67 26.63
N ARG A 336 -6.16 13.67 26.75
CA ARG A 336 -5.44 12.64 27.47
C ARG A 336 -4.38 13.31 28.34
N SER A 337 -3.68 12.50 29.12
CA SER A 337 -2.64 13.01 30.01
C SER A 337 -1.32 12.25 29.85
N VAL A 338 -1.39 10.98 29.50
CA VAL A 338 -0.22 10.11 29.39
C VAL A 338 0.02 9.82 27.92
N MET A 339 1.22 10.11 27.45
CA MET A 339 1.55 9.89 26.05
C MET A 339 1.91 8.43 25.82
N PRO A 340 1.44 7.82 24.72
CA PRO A 340 1.84 6.45 24.43
C PRO A 340 3.34 6.34 24.23
N LYS A 341 3.89 5.20 24.64
CA LYS A 341 5.33 4.96 24.51
C LYS A 341 5.73 5.01 23.04
N LEU A 342 6.79 5.76 22.76
CA LEU A 342 7.26 5.95 21.40
C LEU A 342 8.08 4.73 20.96
N GLY A 343 8.74 4.85 19.82
CA GLY A 343 9.46 3.71 19.28
C GLY A 343 8.49 2.66 18.77
N GLY A 344 8.98 1.43 18.70
CA GLY A 344 8.18 0.32 18.28
C GLY A 344 7.98 0.28 16.77
N ARG A 345 7.40 -0.82 16.30
CA ARG A 345 7.20 -1.03 14.88
C ARG A 345 5.96 -0.27 14.40
N SER A 346 5.92 -0.01 13.10
CA SER A 346 4.80 0.67 12.48
C SER A 346 4.58 2.05 13.10
N GLY A 347 3.52 2.73 12.69
CA GLY A 347 3.21 4.04 13.21
C GLY A 347 2.02 4.02 14.15
N PHE A 348 1.77 2.86 14.77
CA PHE A 348 0.61 2.74 15.64
C PHE A 348 0.70 3.72 16.80
N ALA A 349 1.89 3.89 17.39
CA ALA A 349 2.05 4.90 18.42
C ALA A 349 1.76 6.29 17.87
N GLU A 350 2.29 6.59 16.69
CA GLU A 350 2.02 7.89 16.07
C GLU A 350 0.53 8.05 15.77
N ARG A 351 -0.10 6.99 15.24
CA ARG A 351 -1.52 7.07 14.92
C ARG A 351 -2.35 7.33 16.17
N ASN A 352 -2.04 6.64 17.26
CA ASN A 352 -2.75 6.87 18.51
C ASN A 352 -2.50 8.28 19.03
N ALA A 353 -1.27 8.78 18.88
CA ALA A 353 -0.99 10.14 19.30
C ALA A 353 -1.81 11.14 18.50
N ALA A 354 -2.02 10.89 17.22
CA ALA A 354 -2.84 11.74 16.36
C ALA A 354 -4.24 11.19 16.20
N CYS A 355 -4.79 10.58 17.25
CA CYS A 355 -6.11 9.98 17.16
C CYS A 355 -7.14 11.01 16.73
N GLY A 356 -8.02 10.60 15.82
CA GLY A 356 -9.04 11.47 15.29
C GLY A 356 -8.64 12.25 14.06
N ARG A 357 -7.37 12.22 13.69
CA ARG A 357 -6.88 12.89 12.50
C ARG A 357 -6.28 11.85 11.57
N ILE A 358 -6.69 11.89 10.30
CA ILE A 358 -6.22 10.92 9.32
C ILE A 358 -4.85 11.36 8.81
N ILE A 359 -3.83 10.57 9.12
CA ILE A 359 -2.45 10.89 8.74
C ILE A 359 -2.18 10.24 7.39
N CYS A 360 -1.76 11.05 6.43
CA CYS A 360 -1.44 10.58 5.08
C CYS A 360 0.06 10.71 4.88
N ASP A 361 0.74 9.58 4.68
CA ASP A 361 2.16 9.54 4.37
C ASP A 361 2.28 9.28 2.87
N ILE A 362 2.64 10.30 2.10
CA ILE A 362 2.69 10.16 0.65
C ILE A 362 3.74 9.14 0.24
N GLU A 363 4.67 8.79 1.12
CA GLU A 363 5.60 7.71 0.82
C GLU A 363 4.87 6.37 0.71
N ILE A 364 4.06 6.05 1.73
CA ILE A 364 3.29 4.80 1.70
C ILE A 364 2.29 4.83 0.55
N SER A 365 1.59 5.95 0.38
CA SER A 365 0.59 6.03 -0.68
C SER A 365 1.24 5.90 -2.05
N ALA A 366 2.39 6.53 -2.26
CA ALA A 366 3.10 6.40 -3.53
C ALA A 366 3.57 4.97 -3.75
N LYS A 367 4.07 4.32 -2.70
CA LYS A 367 4.47 2.92 -2.83
C LYS A 367 3.28 2.07 -3.25
N GLU A 368 2.09 2.37 -2.70
CA GLU A 368 0.91 1.58 -3.05
C GLU A 368 0.43 1.86 -4.46
N LEU A 369 0.52 3.12 -4.90
CA LEU A 369 -0.15 3.54 -6.13
C LEU A 369 0.74 3.42 -7.37
N ILE A 370 1.94 4.01 -7.33
CA ILE A 370 2.83 4.03 -8.48
C ILE A 370 4.12 3.31 -8.12
N ARG A 371 4.92 3.03 -9.16
CA ARG A 371 6.21 2.39 -9.03
C ARG A 371 7.30 3.36 -9.44
N CYS A 372 8.25 3.61 -8.53
CA CYS A 372 9.35 4.52 -8.79
C CYS A 372 10.65 3.89 -8.32
N LYS A 373 11.76 4.32 -8.91
CA LYS A 373 13.05 3.77 -8.53
C LYS A 373 13.37 4.09 -7.08
N SER A 374 13.03 5.30 -6.63
CA SER A 374 13.19 5.69 -5.24
C SER A 374 11.95 6.44 -4.80
N TYR A 375 11.60 6.28 -3.52
CA TYR A 375 10.39 6.88 -2.96
C TYR A 375 10.70 8.08 -2.07
N HIS A 376 11.94 8.55 -2.04
CA HIS A 376 12.23 9.77 -1.30
C HIS A 376 11.65 10.97 -2.03
N LEU A 377 11.42 12.05 -1.27
CA LEU A 377 10.57 13.13 -1.76
C LEU A 377 11.08 13.69 -3.08
N SER A 378 12.39 13.79 -3.27
CA SER A 378 12.92 14.37 -4.49
C SER A 378 12.54 13.51 -5.71
N GLU A 379 12.66 12.19 -5.58
CA GLU A 379 12.32 11.33 -6.71
C GLU A 379 10.84 11.42 -7.04
N LEU A 380 9.98 11.43 -6.03
CA LEU A 380 8.55 11.57 -6.28
C LEU A 380 8.25 12.90 -6.95
N VAL A 381 8.91 13.97 -6.50
CA VAL A 381 8.69 15.28 -7.09
C VAL A 381 9.10 15.28 -8.56
N HIS A 382 10.24 14.68 -8.87
CA HIS A 382 10.71 14.63 -10.24
C HIS A 382 9.79 13.78 -11.12
N GLN A 383 9.29 12.67 -10.58
CA GLN A 383 8.50 11.75 -11.39
C GLN A 383 7.07 12.22 -11.57
N ILE A 384 6.41 12.61 -10.47
CA ILE A 384 5.00 12.96 -10.53
C ILE A 384 4.82 14.38 -11.05
N LEU A 385 5.41 15.36 -10.35
CA LEU A 385 5.22 16.77 -10.68
C LEU A 385 6.17 17.25 -11.77
N LYS A 386 7.16 16.45 -12.15
CA LYS A 386 8.13 16.85 -13.18
C LYS A 386 8.82 18.15 -12.81
N ALA A 387 9.14 18.29 -11.53
CA ALA A 387 9.87 19.45 -11.01
C ALA A 387 11.15 18.99 -10.33
N GLU A 388 12.07 19.93 -10.15
CA GLU A 388 13.35 19.67 -9.49
C GLU A 388 13.33 20.27 -8.11
N ARG A 389 13.70 19.47 -7.11
CA ARG A 389 13.68 19.89 -5.71
C ARG A 389 15.11 20.15 -5.25
N VAL A 390 15.32 21.32 -4.65
CA VAL A 390 16.63 21.70 -4.12
C VAL A 390 16.71 21.22 -2.69
N VAL A 391 17.77 20.46 -2.37
CA VAL A 391 17.96 19.85 -1.06
C VAL A 391 19.10 20.58 -0.36
N ILE A 392 18.85 21.00 0.88
CA ILE A 392 19.85 21.70 1.68
C ILE A 392 20.58 20.65 2.53
N PRO A 393 21.90 20.54 2.43
CA PRO A 393 22.62 19.65 3.33
C PRO A 393 22.45 20.10 4.77
N PRO A 394 22.49 19.17 5.72
CA PRO A 394 22.31 19.57 7.13
C PRO A 394 23.35 20.58 7.59
N GLU A 395 24.58 20.49 7.08
CA GLU A 395 25.59 21.49 7.43
C GLU A 395 25.16 22.88 7.00
N ASN A 396 24.56 22.98 5.81
CA ASN A 396 24.07 24.28 5.35
C ASN A 396 22.89 24.76 6.19
N ILE A 397 22.06 23.83 6.70
CA ILE A 397 21.00 24.24 7.61
C ILE A 397 21.58 24.81 8.88
N ARG A 398 22.65 24.19 9.40
CA ARG A 398 23.31 24.72 10.58
C ARG A 398 23.89 26.09 10.30
N ASN A 399 24.53 26.26 9.14
CA ASN A 399 25.19 27.51 8.79
C ASN A 399 24.23 28.58 8.28
N ALA A 400 22.95 28.25 8.10
CA ALA A 400 21.99 29.22 7.60
C ALA A 400 21.71 30.33 8.60
N TYR A 401 21.91 30.09 9.89
CA TYR A 401 21.64 31.10 10.91
C TYR A 401 22.81 32.06 11.02
N ASN A 402 23.24 32.63 9.89
CA ASN A 402 24.29 33.63 9.87
C ASN A 402 23.96 34.81 8.98
N ASP A 403 22.90 34.76 8.18
CA ASP A 403 22.48 35.85 7.34
C ASP A 403 20.99 35.72 7.07
N SER A 404 20.33 36.85 6.85
CA SER A 404 18.89 36.83 6.60
C SER A 404 18.56 36.06 5.33
N VAL A 405 19.36 36.25 4.28
CA VAL A 405 19.04 35.64 2.98
C VAL A 405 18.99 34.13 3.12
N HIS A 406 20.01 33.53 3.73
CA HIS A 406 20.07 32.08 3.82
C HIS A 406 18.97 31.53 4.73
N LEU A 407 18.69 32.21 5.84
CA LEU A 407 17.64 31.75 6.75
C LEU A 407 16.28 31.77 6.06
N LEU A 408 15.97 32.86 5.35
CA LEU A 408 14.71 32.91 4.61
C LEU A 408 14.70 31.89 3.50
N TYR A 409 15.85 31.60 2.89
CA TYR A 409 15.91 30.54 1.89
C TYR A 409 15.56 29.20 2.48
N MET A 410 16.07 28.91 3.69
CA MET A 410 15.75 27.66 4.36
C MET A 410 14.25 27.56 4.64
N LEU A 411 13.66 28.65 5.16
CA LEU A 411 12.24 28.62 5.46
C LEU A 411 11.41 28.44 4.20
N GLU A 412 11.77 29.14 3.12
CA GLU A 412 11.03 29.00 1.87
C GLU A 412 11.23 27.62 1.27
N ASN A 413 12.38 26.99 1.51
CA ASN A 413 12.57 25.62 1.05
C ASN A 413 11.63 24.67 1.80
N THR A 414 11.47 24.87 3.10
CA THR A 414 10.49 24.09 3.84
C THR A 414 9.09 24.30 3.29
N TRP A 415 8.75 25.56 2.97
CA TRP A 415 7.45 25.85 2.39
C TRP A 415 7.27 25.15 1.05
N ILE A 416 8.30 25.16 0.21
CA ILE A 416 8.22 24.51 -1.09
C ILE A 416 8.08 23.01 -0.93
N ASP A 417 8.75 22.43 0.06
CA ASP A 417 8.59 21.00 0.32
C ASP A 417 7.15 20.69 0.71
N ALA A 418 6.55 21.52 1.57
CA ALA A 418 5.14 21.30 1.93
C ALA A 418 4.24 21.42 0.72
N LYS A 419 4.49 22.42 -0.13
CA LYS A 419 3.68 22.59 -1.34
C LYS A 419 3.82 21.39 -2.26
N PHE A 420 5.03 20.86 -2.41
CA PHE A 420 5.23 19.68 -3.23
C PHE A 420 4.51 18.47 -2.64
N ILE A 421 4.52 18.34 -1.32
CA ILE A 421 3.82 17.22 -0.70
C ILE A 421 2.33 17.30 -1.02
N LEU A 422 1.75 18.50 -0.89
CA LEU A 422 0.33 18.65 -1.20
C LEU A 422 0.07 18.38 -2.68
N GLN A 423 0.95 18.86 -3.56
CA GLN A 423 0.76 18.63 -4.99
C GLN A 423 0.82 17.15 -5.32
N ILE A 424 1.73 16.42 -4.68
CA ILE A 424 1.81 14.98 -4.91
C ILE A 424 0.55 14.29 -4.42
N MET A 425 0.06 14.67 -3.24
CA MET A 425 -1.16 14.07 -2.73
C MET A 425 -2.31 14.29 -3.69
N CYS A 426 -2.43 15.51 -4.21
CA CYS A 426 -3.54 15.82 -5.12
C CYS A 426 -3.38 15.11 -6.46
N GLU A 427 -2.15 15.03 -6.97
CA GLU A 427 -1.94 14.44 -8.30
C GLU A 427 -2.28 12.96 -8.29
N LEU A 428 -1.77 12.21 -7.32
CA LEU A 428 -2.11 10.79 -7.21
C LEU A 428 -3.57 10.59 -6.86
N ASN A 429 -4.25 11.60 -6.35
CA ASN A 429 -5.64 11.48 -5.93
C ASN A 429 -5.75 10.51 -4.75
N VAL A 430 -4.92 10.73 -3.74
CA VAL A 430 -4.82 9.79 -2.64
C VAL A 430 -6.08 9.79 -1.79
N LEU A 431 -6.59 10.98 -1.45
CA LEU A 431 -7.73 11.04 -0.54
C LEU A 431 -8.99 10.46 -1.14
N PRO A 432 -9.40 10.83 -2.37
CA PRO A 432 -10.58 10.17 -2.96
C PRO A 432 -10.42 8.67 -3.08
N LEU A 433 -9.23 8.19 -3.45
CA LEU A 433 -9.02 6.76 -3.57
C LEU A 433 -9.11 6.08 -2.22
N ALA A 434 -8.58 6.70 -1.18
CA ALA A 434 -8.69 6.15 0.16
C ALA A 434 -10.14 6.07 0.59
N LEU A 435 -10.92 7.12 0.33
CA LEU A 435 -12.34 7.08 0.66
C LEU A 435 -13.06 5.96 -0.08
N GLN A 436 -12.77 5.83 -1.38
CA GLN A 436 -13.45 4.80 -2.18
C GLN A 436 -13.09 3.41 -1.67
N ILE A 437 -11.81 3.16 -1.42
CA ILE A 437 -11.38 1.84 -0.99
C ILE A 437 -11.90 1.54 0.41
N THR A 438 -11.96 2.55 1.28
CA THR A 438 -12.50 2.34 2.61
C THR A 438 -13.99 2.00 2.55
N ASN A 439 -14.75 2.70 1.69
CA ASN A 439 -16.15 2.38 1.53
C ASN A 439 -16.34 0.97 0.99
N ILE A 440 -15.51 0.57 0.03
CA ILE A 440 -15.60 -0.78 -0.53
C ILE A 440 -15.28 -1.82 0.55
N ALA A 441 -14.23 -1.58 1.33
CA ALA A 441 -13.80 -2.55 2.31
C ALA A 441 -14.63 -2.48 3.58
N GLY A 442 -14.89 -1.28 4.08
CA GLY A 442 -15.68 -1.09 5.28
C GLY A 442 -14.89 -0.91 6.56
N ASN A 443 -13.57 -0.72 6.47
CA ASN A 443 -12.73 -0.49 7.64
C ASN A 443 -12.63 1.01 7.89
N VAL A 444 -11.72 1.42 8.76
CA VAL A 444 -11.49 2.82 9.07
C VAL A 444 -10.50 3.39 8.06
N MET A 445 -10.66 4.69 7.78
CA MET A 445 -9.88 5.31 6.70
C MET A 445 -8.40 5.43 7.08
N SER A 446 -8.11 5.71 8.35
CA SER A 446 -6.72 5.85 8.76
C SER A 446 -5.94 4.56 8.54
N ARG A 447 -6.55 3.42 8.88
CA ARG A 447 -5.88 2.14 8.63
C ARG A 447 -5.66 1.93 7.14
N THR A 448 -6.64 2.30 6.32
CA THR A 448 -6.48 2.15 4.87
C THR A 448 -5.31 2.98 4.36
N LEU A 449 -5.19 4.22 4.82
CA LEU A 449 -4.06 5.05 4.40
C LEU A 449 -2.76 4.60 5.02
N MET A 450 -2.81 3.80 6.08
CA MET A 450 -1.60 3.23 6.66
C MET A 450 -0.95 2.19 5.75
N GLY A 451 -1.66 1.72 4.73
CA GLY A 451 -1.13 0.73 3.82
C GLY A 451 -1.54 -0.69 4.19
N GLY A 452 -1.29 -1.60 3.28
CA GLY A 452 -1.55 -3.00 3.49
C GLY A 452 -2.87 -3.43 2.88
N ARG A 453 -2.95 -4.71 2.50
CA ARG A 453 -4.14 -5.27 1.89
C ARG A 453 -4.88 -6.26 2.77
N SER A 454 -4.24 -6.77 3.82
CA SER A 454 -4.87 -7.82 4.63
C SER A 454 -6.09 -7.29 5.38
N GLU A 455 -5.94 -6.14 6.05
CA GLU A 455 -7.04 -5.62 6.87
C GLU A 455 -8.24 -5.25 6.01
N ARG A 456 -8.00 -4.68 4.84
CA ARG A 456 -9.11 -4.30 3.97
C ARG A 456 -9.95 -5.52 3.60
N ASN A 457 -9.29 -6.58 3.14
CA ASN A 457 -10.01 -7.80 2.78
C ASN A 457 -10.67 -8.43 3.99
N GLU A 458 -10.00 -8.40 5.15
CA GLU A 458 -10.57 -8.99 6.35
C GLU A 458 -11.87 -8.29 6.73
N TYR A 459 -11.88 -6.97 6.68
CA TYR A 459 -13.10 -6.24 7.01
C TYR A 459 -14.17 -6.42 5.93
N LEU A 460 -13.76 -6.49 4.66
CA LEU A 460 -14.72 -6.80 3.61
C LEU A 460 -15.46 -8.09 3.89
N LEU A 461 -14.72 -9.15 4.20
CA LEU A 461 -15.35 -10.44 4.44
C LEU A 461 -16.11 -10.44 5.76
N LEU A 462 -15.64 -9.71 6.77
CA LEU A 462 -16.42 -9.57 8.00
C LEU A 462 -17.79 -9.00 7.70
N HIS A 463 -17.83 -7.88 6.96
CA HIS A 463 -19.10 -7.28 6.63
C HIS A 463 -19.97 -8.23 5.82
N ALA A 464 -19.38 -8.91 4.84
CA ALA A 464 -20.17 -9.81 3.99
C ALA A 464 -20.79 -10.93 4.81
N PHE A 465 -19.97 -11.63 5.59
CA PHE A 465 -20.46 -12.79 6.33
C PHE A 465 -21.43 -12.38 7.42
N THR A 466 -21.16 -11.27 8.12
CA THR A 466 -22.06 -10.83 9.17
C THR A 466 -23.44 -10.54 8.63
N GLU A 467 -23.52 -9.92 7.46
CA GLU A 467 -24.81 -9.60 6.86
C GLU A 467 -25.57 -10.82 6.39
N ASN A 468 -24.93 -11.98 6.28
CA ASN A 468 -25.56 -13.20 5.81
C ASN A 468 -25.75 -14.22 6.93
N ASN A 469 -25.75 -13.77 8.19
CA ASN A 469 -26.01 -14.64 9.33
C ASN A 469 -24.92 -15.72 9.46
N PHE A 470 -23.67 -15.25 9.57
CA PHE A 470 -22.51 -16.12 9.76
C PHE A 470 -21.76 -15.68 11.01
N ILE A 471 -21.20 -16.66 11.71
CA ILE A 471 -20.32 -16.39 12.85
C ILE A 471 -18.91 -16.28 12.30
N VAL A 472 -18.33 -15.08 12.39
CA VAL A 472 -17.00 -14.83 11.85
C VAL A 472 -15.97 -15.42 12.81
N PRO A 473 -14.83 -15.88 12.32
CA PRO A 473 -13.81 -16.44 13.24
C PRO A 473 -13.21 -15.35 14.11
N ASP A 474 -12.78 -15.77 15.30
CA ASP A 474 -12.13 -14.84 16.22
C ASP A 474 -10.84 -14.32 15.61
N LYS A 475 -10.51 -13.07 15.93
CA LYS A 475 -9.30 -12.47 15.40
C LYS A 475 -8.09 -13.28 15.88
N PRO A 476 -7.11 -13.54 15.02
CA PRO A 476 -5.97 -14.35 15.45
C PRO A 476 -5.09 -13.57 16.41
N VAL A 477 -4.75 -14.22 17.53
CA VAL A 477 -3.94 -13.58 18.57
C VAL A 477 -2.48 -13.88 18.33
N ALA A 505 6.61 -20.98 -0.23
CA ALA A 505 5.70 -21.56 -1.21
C ALA A 505 4.95 -22.74 -0.61
N ALA A 506 3.90 -22.45 0.16
CA ALA A 506 3.14 -23.50 0.81
C ALA A 506 2.38 -24.35 -0.20
N TYR A 507 2.02 -23.78 -1.35
CA TYR A 507 1.25 -24.49 -2.35
C TYR A 507 1.64 -24.01 -3.73
N ALA A 508 1.29 -24.80 -4.74
CA ALA A 508 1.67 -24.48 -6.10
C ALA A 508 0.92 -23.24 -6.60
N GLY A 509 1.51 -22.58 -7.58
CA GLY A 509 0.98 -21.35 -8.13
C GLY A 509 0.81 -21.45 -9.63
N GLY A 510 0.98 -20.31 -10.29
CA GLY A 510 0.74 -20.23 -11.72
C GLY A 510 1.76 -21.03 -12.52
N LEU A 511 1.37 -21.36 -13.75
CA LEU A 511 2.19 -22.13 -14.66
C LEU A 511 2.77 -21.21 -15.72
N VAL A 512 4.08 -21.26 -15.88
CA VAL A 512 4.79 -20.48 -16.89
C VAL A 512 5.29 -21.43 -17.96
N LEU A 513 4.78 -21.27 -19.18
CA LEU A 513 5.16 -22.14 -20.27
C LEU A 513 6.61 -21.89 -20.68
N GLU A 514 7.27 -22.95 -21.12
CA GLU A 514 8.66 -22.83 -21.55
C GLU A 514 8.72 -21.98 -22.81
N PRO A 515 9.39 -20.84 -22.81
CA PRO A 515 9.39 -19.99 -24.00
C PRO A 515 10.24 -20.57 -25.12
N LYS A 516 9.93 -20.16 -26.34
CA LYS A 516 10.75 -20.45 -27.51
C LYS A 516 11.65 -19.23 -27.72
N VAL A 517 12.82 -19.25 -27.07
CA VAL A 517 13.70 -18.10 -27.10
C VAL A 517 14.16 -17.84 -28.52
N GLY A 518 14.21 -16.57 -28.90
CA GLY A 518 14.64 -16.19 -30.23
C GLY A 518 14.13 -14.80 -30.57
N PHE A 519 14.29 -14.45 -31.84
CA PHE A 519 13.82 -13.19 -32.38
C PHE A 519 12.75 -13.48 -33.43
N TYR A 520 11.59 -12.84 -33.27
CA TYR A 520 10.46 -13.00 -34.18
C TYR A 520 10.15 -11.65 -34.80
N ASP A 521 10.37 -11.53 -36.11
CA ASP A 521 10.12 -10.29 -36.83
C ASP A 521 8.70 -10.20 -37.38
N LYS A 522 7.91 -11.26 -37.26
CA LYS A 522 6.53 -11.25 -37.72
C LYS A 522 5.62 -10.83 -36.56
N PHE A 523 4.32 -10.99 -36.73
CA PHE A 523 3.34 -10.50 -35.77
C PHE A 523 3.10 -11.54 -34.70
N ILE A 524 3.27 -11.14 -33.44
CA ILE A 524 2.98 -11.98 -32.28
C ILE A 524 1.73 -11.45 -31.62
N LEU A 525 0.77 -12.34 -31.38
CA LEU A 525 -0.55 -11.98 -30.87
C LEU A 525 -0.67 -12.48 -29.44
N LEU A 526 -0.92 -11.57 -28.51
CA LEU A 526 -0.97 -11.88 -27.09
C LEU A 526 -2.42 -11.94 -26.63
N LEU A 527 -2.79 -13.06 -26.01
CA LEU A 527 -4.12 -13.25 -25.45
C LEU A 527 -3.99 -13.39 -23.93
N ASP A 528 -4.78 -12.62 -23.20
CA ASP A 528 -4.70 -12.58 -21.75
C ASP A 528 -6.10 -12.66 -21.15
N PHE A 529 -6.25 -13.45 -20.10
CA PHE A 529 -7.53 -13.55 -19.42
C PHE A 529 -7.79 -12.29 -18.59
N ASN A 530 -9.07 -11.98 -18.42
CA ASN A 530 -9.52 -10.84 -17.64
C ASN A 530 -9.85 -11.30 -16.22
N SER A 531 -9.15 -10.75 -15.24
CA SER A 531 -9.38 -11.08 -13.84
C SER A 531 -9.49 -12.59 -13.65
N LEU A 532 -8.39 -13.27 -13.96
CA LEU A 532 -8.43 -14.73 -14.10
C LEU A 532 -8.84 -15.40 -12.79
N TYR A 533 -8.27 -14.98 -11.67
CA TYR A 533 -8.54 -15.67 -10.41
C TYR A 533 -9.90 -15.25 -9.86
N PRO A 534 -10.23 -13.95 -9.88
CA PRO A 534 -11.62 -13.56 -9.59
C PRO A 534 -12.63 -14.29 -10.48
N SER A 535 -12.32 -14.43 -11.76
CA SER A 535 -13.23 -15.12 -12.67
C SER A 535 -13.35 -16.59 -12.32
N ILE A 536 -12.25 -17.21 -11.91
CA ILE A 536 -12.30 -18.62 -11.50
C ILE A 536 -13.16 -18.77 -10.26
N ILE A 537 -12.98 -17.88 -9.28
CA ILE A 537 -13.79 -17.95 -8.07
C ILE A 537 -15.26 -17.81 -8.41
N GLN A 538 -15.60 -16.87 -9.30
CA GLN A 538 -16.99 -16.70 -9.69
C GLN A 538 -17.53 -17.92 -10.41
N GLU A 539 -16.82 -18.38 -11.44
CA GLU A 539 -17.35 -19.44 -12.30
C GLU A 539 -17.47 -20.75 -11.54
N TYR A 540 -16.41 -21.16 -10.86
CA TYR A 540 -16.39 -22.46 -10.20
C TYR A 540 -16.96 -22.41 -8.79
N ASN A 541 -17.47 -21.26 -8.35
CA ASN A 541 -18.16 -21.14 -7.08
C ASN A 541 -17.28 -21.54 -5.91
N ILE A 542 -16.03 -21.10 -5.94
CA ILE A 542 -15.08 -21.38 -4.87
C ILE A 542 -15.38 -20.44 -3.70
N CYS A 543 -15.72 -21.02 -2.55
CA CYS A 543 -16.09 -20.21 -1.39
C CYS A 543 -15.90 -21.06 -0.13
N PHE A 544 -15.90 -20.36 1.01
CA PHE A 544 -15.81 -21.05 2.29
C PHE A 544 -17.00 -21.98 2.51
N THR A 545 -18.16 -21.64 1.93
CA THR A 545 -19.39 -22.36 2.18
C THR A 545 -19.69 -23.43 1.13
N THR A 546 -18.80 -23.61 0.15
CA THR A 546 -19.04 -24.56 -0.93
C THR A 546 -17.94 -25.60 -1.09
N VAL A 547 -16.70 -25.24 -0.80
CA VAL A 547 -15.58 -26.18 -0.90
C VAL A 547 -15.50 -26.97 0.40
N HIS A 548 -15.62 -28.29 0.31
CA HIS A 548 -15.59 -29.16 1.48
C HIS A 548 -14.13 -29.47 1.80
N ARG A 549 -13.54 -28.69 2.70
CA ARG A 549 -12.14 -28.85 3.06
C ARG A 549 -11.99 -29.96 4.10
N GLU A 550 -10.80 -30.07 4.67
CA GLU A 550 -10.55 -31.09 5.68
C GLU A 550 -9.35 -30.65 6.52
N ALA A 551 -9.56 -30.51 7.82
CA ALA A 551 -8.48 -30.09 8.72
C ALA A 551 -7.79 -31.31 9.33
N ASP A 561 -1.35 -31.97 1.71
CA ASP A 561 -1.61 -30.89 0.77
C ASP A 561 -2.38 -31.42 -0.44
N GLU A 562 -3.67 -31.69 -0.26
CA GLU A 562 -4.54 -32.19 -1.30
C GLU A 562 -5.50 -31.09 -1.75
N ILE A 563 -5.67 -30.97 -3.06
CA ILE A 563 -6.55 -29.95 -3.63
C ILE A 563 -7.98 -30.39 -3.42
N PRO A 564 -8.81 -29.61 -2.73
CA PRO A 564 -10.20 -30.06 -2.50
C PRO A 564 -11.00 -30.09 -3.78
N GLU A 565 -12.01 -30.97 -3.79
CA GLU A 565 -12.85 -31.14 -4.97
C GLU A 565 -13.62 -29.87 -5.28
N LEU A 566 -13.94 -29.71 -6.56
CA LEU A 566 -14.70 -28.55 -6.99
C LEU A 566 -16.15 -28.67 -6.46
N PRO A 567 -16.76 -27.55 -6.08
CA PRO A 567 -18.14 -27.63 -5.57
C PRO A 567 -19.12 -27.99 -6.66
N HIS A 568 -20.22 -28.60 -6.24
CA HIS A 568 -21.27 -28.98 -7.18
C HIS A 568 -21.88 -27.75 -7.83
N SER A 569 -22.26 -27.88 -9.10
CA SER A 569 -22.85 -26.78 -9.84
C SER A 569 -24.25 -26.44 -9.38
N ASP A 570 -24.87 -27.29 -8.56
CA ASP A 570 -26.22 -27.02 -8.06
C ASP A 570 -26.25 -25.96 -6.97
N LEU A 571 -25.14 -25.76 -6.27
CA LEU A 571 -25.13 -24.87 -5.12
C LEU A 571 -25.32 -23.42 -5.53
N GLU A 572 -25.89 -22.63 -4.62
CA GLU A 572 -26.04 -21.21 -4.85
C GLU A 572 -24.70 -20.49 -4.68
N MET A 573 -24.58 -19.33 -5.31
CA MET A 573 -23.35 -18.55 -5.22
C MET A 573 -23.03 -18.22 -3.77
N GLY A 574 -21.76 -18.36 -3.41
CA GLY A 574 -21.31 -18.09 -2.07
C GLY A 574 -21.01 -16.63 -1.84
N ILE A 575 -20.57 -16.33 -0.62
CA ILE A 575 -20.30 -14.95 -0.24
C ILE A 575 -19.10 -14.40 -1.00
N LEU A 576 -18.00 -15.17 -1.01
CA LEU A 576 -16.79 -14.70 -1.68
C LEU A 576 -16.98 -14.48 -3.16
N PRO A 577 -17.64 -15.38 -3.91
CA PRO A 577 -17.93 -15.06 -5.32
C PRO A 577 -18.70 -13.76 -5.48
N ARG A 578 -19.67 -13.49 -4.60
CA ARG A 578 -20.45 -12.27 -4.71
C ARG A 578 -19.57 -11.03 -4.50
N GLU A 579 -18.77 -11.03 -3.44
CA GLU A 579 -17.92 -9.88 -3.16
C GLU A 579 -16.91 -9.67 -4.29
N ILE A 580 -16.28 -10.74 -4.74
CA ILE A 580 -15.26 -10.60 -5.78
C ILE A 580 -15.91 -10.18 -7.10
N ARG A 581 -17.14 -10.64 -7.36
CA ARG A 581 -17.87 -10.18 -8.53
C ARG A 581 -18.15 -8.69 -8.47
N LYS A 582 -18.52 -8.19 -7.29
CA LYS A 582 -18.72 -6.75 -7.15
C LYS A 582 -17.44 -6.00 -7.44
N LEU A 583 -16.31 -6.47 -6.91
CA LEU A 583 -15.04 -5.80 -7.16
C LEU A 583 -14.71 -5.80 -8.65
N VAL A 584 -14.89 -6.94 -9.32
CA VAL A 584 -14.57 -7.04 -10.74
C VAL A 584 -15.47 -6.14 -11.56
N GLU A 585 -16.75 -6.06 -11.19
CA GLU A 585 -17.67 -5.19 -11.91
C GLU A 585 -17.29 -3.73 -11.76
N ARG A 586 -16.89 -3.33 -10.55
CA ARG A 586 -16.44 -1.95 -10.35
C ARG A 586 -15.23 -1.64 -11.21
N ARG A 587 -14.27 -2.56 -11.24
CA ARG A 587 -13.09 -2.37 -12.08
C ARG A 587 -13.47 -2.27 -13.55
N ARG A 588 -14.40 -3.11 -13.99
CA ARG A 588 -14.85 -3.08 -15.38
C ARG A 588 -15.51 -1.76 -15.71
N HIS A 589 -16.31 -1.23 -14.79
CA HIS A 589 -16.92 0.07 -15.00
C HIS A 589 -15.87 1.15 -15.16
N VAL A 590 -14.85 1.14 -14.31
CA VAL A 590 -13.80 2.15 -14.43
C VAL A 590 -13.09 2.01 -15.77
N LYS A 591 -12.78 0.78 -16.18
CA LYS A 591 -12.08 0.58 -17.45
C LYS A 591 -12.92 1.07 -18.62
N GLN A 592 -14.22 0.76 -18.62
CA GLN A 592 -15.09 1.25 -19.67
C GLN A 592 -15.12 2.78 -19.69
N LEU A 593 -15.20 3.40 -18.51
CA LEU A 593 -15.14 4.85 -18.45
C LEU A 593 -13.82 5.37 -19.00
N MET A 594 -12.76 4.56 -18.93
CA MET A 594 -11.47 4.99 -19.48
C MET A 594 -11.51 5.08 -21.00
N LYS A 595 -12.31 4.24 -21.65
CA LYS A 595 -12.34 4.19 -23.11
C LYS A 595 -12.98 5.42 -23.74
N GLN A 596 -13.60 6.29 -22.95
CA GLN A 596 -14.27 7.45 -23.51
C GLN A 596 -13.29 8.29 -24.33
N PRO A 597 -13.62 8.66 -25.55
CA PRO A 597 -12.70 9.47 -26.35
C PRO A 597 -12.61 10.90 -25.85
N ASP A 598 -11.48 11.53 -26.13
CA ASP A 598 -11.22 12.92 -25.73
C ASP A 598 -11.27 13.06 -24.21
N LEU A 599 -10.38 12.34 -23.55
CA LEU A 599 -10.23 12.39 -22.10
C LEU A 599 -8.94 13.12 -21.74
N ASN A 600 -8.99 13.87 -20.65
CA ASN A 600 -7.79 14.56 -20.17
C ASN A 600 -6.75 13.51 -19.78
N PRO A 601 -5.51 13.62 -20.29
CA PRO A 601 -4.50 12.61 -19.93
C PRO A 601 -4.31 12.44 -18.44
N ASP A 602 -4.37 13.51 -17.66
CA ASP A 602 -4.25 13.39 -16.21
C ASP A 602 -5.40 12.56 -15.65
N LEU A 603 -6.63 12.82 -16.12
CA LEU A 603 -7.77 12.02 -15.69
C LEU A 603 -7.61 10.58 -16.14
N TYR A 604 -7.03 10.37 -17.32
CA TYR A 604 -6.77 9.01 -17.79
C TYR A 604 -5.82 8.28 -16.86
N LEU A 605 -4.75 8.95 -16.43
CA LEU A 605 -3.81 8.32 -15.51
C LEU A 605 -4.46 8.05 -14.16
N GLN A 606 -5.30 8.97 -13.69
CA GLN A 606 -6.02 8.73 -12.44
C GLN A 606 -6.92 7.50 -12.55
N TYR A 607 -7.63 7.38 -13.67
CA TYR A 607 -8.49 6.21 -13.88
C TYR A 607 -7.65 4.93 -13.94
N ASP A 608 -6.49 5.00 -14.58
CA ASP A 608 -5.62 3.83 -14.64
C ASP A 608 -5.17 3.41 -13.24
N ILE A 609 -4.81 4.39 -12.40
CA ILE A 609 -4.41 4.08 -11.03
C ILE A 609 -5.57 3.45 -10.27
N ARG A 610 -6.78 4.00 -10.44
CA ARG A 610 -7.93 3.44 -9.75
C ARG A 610 -8.22 2.01 -10.21
N GLN A 611 -8.12 1.77 -11.51
CA GLN A 611 -8.34 0.42 -12.04
C GLN A 611 -7.30 -0.55 -11.50
N LYS A 612 -6.04 -0.12 -11.45
CA LYS A 612 -4.99 -0.99 -10.90
C LYS A 612 -5.26 -1.27 -9.42
N ALA A 613 -5.72 -0.27 -8.69
CA ALA A 613 -6.03 -0.47 -7.27
C ALA A 613 -7.14 -1.49 -7.10
N LEU A 614 -8.19 -1.40 -7.91
CA LEU A 614 -9.28 -2.38 -7.82
C LEU A 614 -8.80 -3.78 -8.19
N LYS A 615 -7.97 -3.88 -9.24
CA LYS A 615 -7.39 -5.17 -9.61
C LYS A 615 -6.60 -5.75 -8.45
N LEU A 616 -5.78 -4.94 -7.81
CA LEU A 616 -4.99 -5.42 -6.69
C LEU A 616 -5.85 -5.78 -5.50
N THR A 617 -6.96 -5.07 -5.29
CA THR A 617 -7.86 -5.43 -4.21
C THR A 617 -8.46 -6.82 -4.44
N ALA A 618 -8.91 -7.09 -5.65
CA ALA A 618 -9.44 -8.42 -5.95
C ALA A 618 -8.35 -9.50 -5.82
N ASN A 619 -7.17 -9.22 -6.36
CA ASN A 619 -6.08 -10.18 -6.27
C ASN A 619 -5.66 -10.43 -4.84
N SER A 620 -5.68 -9.40 -3.99
CA SER A 620 -5.38 -9.57 -2.58
C SER A 620 -6.49 -10.34 -1.88
N MET A 621 -7.74 -10.16 -2.30
CA MET A 621 -8.81 -10.99 -1.78
C MET A 621 -8.51 -12.46 -2.06
N TYR A 622 -8.01 -12.76 -3.26
CA TYR A 622 -7.57 -14.11 -3.54
C TYR A 622 -6.41 -14.52 -2.63
N GLY A 623 -5.40 -13.65 -2.52
CA GLY A 623 -4.16 -14.04 -1.86
C GLY A 623 -4.34 -14.27 -0.37
N CYS A 624 -5.19 -13.47 0.28
CA CYS A 624 -5.37 -13.59 1.72
C CYS A 624 -5.95 -14.93 2.11
N LEU A 625 -6.53 -15.68 1.15
CA LEU A 625 -6.88 -17.07 1.44
C LEU A 625 -5.65 -17.89 1.77
N GLY A 626 -4.51 -17.52 1.21
CA GLY A 626 -3.27 -18.22 1.46
C GLY A 626 -2.30 -17.43 2.33
N PHE A 627 -2.84 -16.70 3.29
CA PHE A 627 -2.04 -15.93 4.24
C PHE A 627 -2.13 -16.59 5.61
N SER A 628 -0.97 -16.99 6.16
CA SER A 628 -0.96 -17.79 7.37
C SER A 628 -1.55 -17.04 8.55
N TYR A 629 -1.30 -15.73 8.62
CA TYR A 629 -1.72 -14.92 9.76
C TYR A 629 -3.08 -14.26 9.53
N SER A 630 -3.72 -14.50 8.39
CA SER A 630 -4.99 -13.86 8.09
C SER A 630 -6.11 -14.49 8.89
N ARG A 631 -7.17 -13.70 9.10
CA ARG A 631 -8.36 -14.21 9.79
C ARG A 631 -9.05 -15.30 9.00
N PHE A 632 -8.94 -15.26 7.67
CA PHE A 632 -9.68 -16.14 6.78
C PHE A 632 -8.73 -17.04 6.00
N TYR A 633 -7.72 -17.58 6.68
CA TYR A 633 -6.77 -18.50 6.06
C TYR A 633 -7.47 -19.77 5.59
N ALA A 634 -7.52 -19.98 4.28
CA ALA A 634 -8.16 -21.13 3.68
C ALA A 634 -7.28 -21.71 2.58
N LYS A 635 -6.04 -22.01 2.93
CA LYS A 635 -5.03 -22.51 1.99
C LYS A 635 -5.60 -23.48 0.97
N PRO A 636 -6.46 -24.42 1.37
CA PRO A 636 -7.07 -25.29 0.35
C PRO A 636 -7.79 -24.52 -0.74
N LEU A 637 -8.48 -23.45 -0.39
CA LEU A 637 -9.17 -22.65 -1.40
C LEU A 637 -8.19 -22.01 -2.37
N ALA A 638 -7.10 -21.44 -1.84
CA ALA A 638 -6.10 -20.83 -2.71
C ALA A 638 -5.47 -21.87 -3.62
N ALA A 639 -5.19 -23.05 -3.07
CA ALA A 639 -4.62 -24.12 -3.89
C ALA A 639 -5.58 -24.53 -5.00
N LEU A 640 -6.87 -24.61 -4.68
CA LEU A 640 -7.87 -24.94 -5.70
C LEU A 640 -7.91 -23.87 -6.78
N VAL A 641 -7.87 -22.60 -6.39
CA VAL A 641 -7.92 -21.52 -7.37
C VAL A 641 -6.72 -21.60 -8.31
N THR A 642 -5.52 -21.75 -7.75
CA THR A 642 -4.32 -21.81 -8.57
C THR A 642 -4.31 -23.07 -9.44
N HIS A 643 -4.80 -24.19 -8.91
CA HIS A 643 -4.85 -25.42 -9.69
C HIS A 643 -5.79 -25.26 -10.88
N GLN A 644 -6.94 -24.64 -10.67
CA GLN A 644 -7.84 -24.38 -11.78
C GLN A 644 -7.22 -23.42 -12.79
N GLY A 645 -6.45 -22.45 -12.31
CA GLY A 645 -5.76 -21.56 -13.22
C GLY A 645 -4.77 -22.30 -14.11
N ARG A 646 -3.98 -23.20 -13.50
CA ARG A 646 -3.04 -24.00 -14.28
C ARG A 646 -3.76 -24.88 -15.28
N GLU A 647 -4.85 -25.51 -14.86
CA GLU A 647 -5.64 -26.35 -15.77
C GLU A 647 -6.18 -25.53 -16.93
N ILE A 648 -6.67 -24.32 -16.65
CA ILE A 648 -7.20 -23.46 -17.70
C ILE A 648 -6.11 -23.09 -18.69
N LEU A 649 -4.93 -22.72 -18.19
CA LEU A 649 -3.85 -22.36 -19.11
C LEU A 649 -3.43 -23.54 -19.96
N LEU A 650 -3.34 -24.72 -19.37
CA LEU A 650 -2.97 -25.91 -20.14
C LEU A 650 -4.02 -26.20 -21.22
N HIS A 651 -5.30 -26.11 -20.86
CA HIS A 651 -6.36 -26.36 -21.83
C HIS A 651 -6.33 -25.33 -22.95
N THR A 652 -6.09 -24.06 -22.63
CA THR A 652 -6.02 -23.04 -23.66
C THR A 652 -4.83 -23.28 -24.60
N LYS A 653 -3.68 -23.65 -24.03
CA LYS A 653 -2.54 -23.98 -24.87
C LYS A 653 -2.86 -25.14 -25.79
N GLU A 654 -3.51 -26.18 -25.26
CA GLU A 654 -3.86 -27.32 -26.09
C GLU A 654 -4.82 -26.93 -27.20
N MET A 655 -5.81 -26.09 -26.89
CA MET A 655 -6.76 -25.65 -27.91
C MET A 655 -6.05 -24.86 -29.00
N VAL A 656 -5.20 -23.91 -28.61
CA VAL A 656 -4.53 -23.07 -29.61
C VAL A 656 -3.61 -23.92 -30.48
N GLN A 657 -2.87 -24.85 -29.86
CA GLN A 657 -2.01 -25.73 -30.65
C GLN A 657 -2.82 -26.61 -31.58
N LYS A 658 -3.97 -27.09 -31.12
CA LYS A 658 -4.86 -27.89 -31.95
C LYS A 658 -5.43 -27.11 -33.12
N MET A 659 -5.31 -25.78 -33.10
CA MET A 659 -5.78 -24.93 -34.18
C MET A 659 -4.74 -24.76 -35.28
N ASN A 660 -3.62 -25.47 -35.19
CA ASN A 660 -2.54 -25.37 -36.17
C ASN A 660 -1.85 -24.01 -36.10
N LEU A 661 -1.70 -23.49 -34.88
CA LEU A 661 -1.03 -22.23 -34.62
C LEU A 661 0.13 -22.46 -33.66
N GLU A 662 1.11 -21.58 -33.73
CA GLU A 662 2.32 -21.69 -32.93
C GLU A 662 2.15 -20.94 -31.62
N VAL A 663 2.47 -21.60 -30.51
CA VAL A 663 2.43 -21.01 -29.18
C VAL A 663 3.85 -20.96 -28.64
N ILE A 664 4.26 -19.79 -28.17
CA ILE A 664 5.67 -19.55 -27.85
C ILE A 664 5.88 -19.11 -26.40
N TYR A 665 4.83 -18.83 -25.63
CA TYR A 665 5.01 -18.32 -24.28
C TYR A 665 3.66 -18.21 -23.60
N GLY A 666 3.68 -18.15 -22.27
CA GLY A 666 2.48 -17.98 -21.48
C GLY A 666 2.77 -17.96 -20.00
N ASP A 667 2.19 -17.02 -19.26
CA ASP A 667 2.47 -16.84 -17.83
C ASP A 667 1.16 -16.81 -17.05
N THR A 668 0.64 -17.98 -16.76
CA THR A 668 -0.42 -18.20 -15.76
C THR A 668 -1.79 -17.69 -16.19
N ASP A 669 -1.86 -16.85 -17.21
CA ASP A 669 -3.16 -16.53 -17.79
C ASP A 669 -3.09 -16.19 -19.28
N SER A 670 -1.94 -16.27 -19.93
CA SER A 670 -1.75 -15.68 -21.25
C SER A 670 -1.09 -16.68 -22.19
N ILE A 671 -1.25 -16.39 -23.49
CA ILE A 671 -0.63 -17.18 -24.54
C ILE A 671 -0.10 -16.22 -25.61
N MET A 672 1.11 -16.49 -26.09
CA MET A 672 1.70 -15.75 -27.20
C MET A 672 1.70 -16.64 -28.43
N ILE A 673 1.18 -16.11 -29.54
CA ILE A 673 1.01 -16.88 -30.76
C ILE A 673 1.80 -16.19 -31.87
N ASN A 674 2.57 -16.98 -32.61
CA ASN A 674 3.31 -16.49 -33.78
C ASN A 674 2.41 -16.64 -34.99
N THR A 675 1.85 -15.51 -35.44
CA THR A 675 0.91 -15.54 -36.56
C THR A 675 1.57 -15.86 -37.88
N ASN A 676 2.86 -15.59 -38.02
CA ASN A 676 3.57 -15.77 -39.29
C ASN A 676 2.90 -14.99 -40.40
N CYS A 677 2.45 -13.78 -40.08
CA CYS A 677 1.80 -12.89 -41.03
C CYS A 677 2.48 -11.54 -41.03
N ASN A 678 2.32 -10.81 -42.13
CA ASN A 678 2.82 -9.45 -42.25
C ASN A 678 1.71 -8.42 -42.37
N ASN A 679 0.46 -8.84 -42.48
CA ASN A 679 -0.67 -7.94 -42.60
C ASN A 679 -1.41 -7.90 -41.27
N LEU A 680 -1.73 -6.69 -40.80
CA LEU A 680 -2.33 -6.52 -39.48
C LEU A 680 -3.80 -6.91 -39.44
N GLU A 681 -4.54 -6.66 -40.53
CA GLU A 681 -5.95 -6.98 -40.54
C GLU A 681 -6.18 -8.48 -40.35
N GLU A 682 -5.40 -9.31 -41.03
CA GLU A 682 -5.51 -10.74 -40.85
C GLU A 682 -5.15 -11.15 -39.43
N VAL A 683 -4.17 -10.47 -38.84
CA VAL A 683 -3.78 -10.77 -37.46
C VAL A 683 -4.96 -10.51 -36.53
N PHE A 684 -5.63 -9.38 -36.71
CA PHE A 684 -6.77 -9.07 -35.86
C PHE A 684 -7.90 -10.06 -36.07
N LYS A 685 -8.15 -10.44 -37.33
CA LYS A 685 -9.21 -11.43 -37.59
C LYS A 685 -8.90 -12.75 -36.90
N LEU A 686 -7.66 -13.23 -37.02
CA LEU A 686 -7.28 -14.47 -36.36
C LEU A 686 -7.39 -14.35 -34.86
N GLY A 687 -6.98 -13.21 -34.31
CA GLY A 687 -7.11 -13.01 -32.88
C GLY A 687 -8.55 -13.10 -32.42
N ASN A 688 -9.46 -12.46 -33.15
CA ASN A 688 -10.88 -12.53 -32.78
C ASN A 688 -11.40 -13.96 -32.88
N ARG A 689 -11.02 -14.66 -33.94
CA ARG A 689 -11.46 -16.05 -34.11
C ARG A 689 -11.01 -16.91 -32.94
N VAL A 690 -9.73 -16.85 -32.60
CA VAL A 690 -9.20 -17.71 -31.54
C VAL A 690 -9.77 -17.31 -30.19
N LYS A 691 -9.95 -16.00 -29.96
CA LYS A 691 -10.54 -15.56 -28.70
C LYS A 691 -11.96 -16.08 -28.55
N SER A 692 -12.75 -16.02 -29.62
CA SER A 692 -14.11 -16.56 -29.56
C SER A 692 -14.08 -18.06 -29.29
N GLU A 693 -13.21 -18.78 -29.99
CA GLU A 693 -13.15 -20.23 -29.80
C GLU A 693 -12.80 -20.57 -28.36
N ILE A 694 -11.83 -19.86 -27.78
CA ILE A 694 -11.45 -20.13 -26.39
C ILE A 694 -12.58 -19.77 -25.43
N ASN A 695 -13.20 -18.60 -25.63
CA ASN A 695 -14.28 -18.18 -24.74
C ASN A 695 -15.48 -19.09 -24.82
N LYS A 696 -15.65 -19.83 -25.92
CA LYS A 696 -16.81 -20.68 -26.08
C LYS A 696 -16.93 -21.73 -24.98
N SER A 697 -15.83 -22.05 -24.30
CA SER A 697 -15.80 -23.14 -23.33
C SER A 697 -16.03 -22.68 -21.89
N TYR A 698 -16.36 -21.40 -21.69
CA TYR A 698 -16.47 -20.86 -20.33
C TYR A 698 -17.71 -19.98 -20.23
N LYS A 699 -18.20 -19.83 -19.00
CA LYS A 699 -19.40 -19.05 -18.73
C LYS A 699 -19.09 -17.61 -18.35
N LEU A 700 -18.07 -17.39 -17.53
CA LEU A 700 -17.65 -16.05 -17.14
C LEU A 700 -16.25 -15.69 -17.60
N LEU A 701 -15.34 -16.65 -17.69
CA LEU A 701 -13.97 -16.35 -18.11
C LEU A 701 -13.97 -15.85 -19.55
N GLU A 702 -13.26 -14.75 -19.79
CA GLU A 702 -13.14 -14.16 -21.11
C GLU A 702 -11.67 -13.93 -21.43
N ILE A 703 -11.31 -14.18 -22.68
CA ILE A 703 -9.95 -13.99 -23.18
C ILE A 703 -9.99 -12.86 -24.19
N ASP A 704 -9.09 -11.89 -24.01
CA ASP A 704 -9.06 -10.70 -24.84
C ASP A 704 -7.66 -10.50 -25.42
N ILE A 705 -7.60 -9.78 -26.53
CA ILE A 705 -6.34 -9.51 -27.19
C ILE A 705 -5.59 -8.45 -26.37
N ASP A 706 -4.50 -8.86 -25.73
CA ASP A 706 -3.75 -7.93 -24.91
C ASP A 706 -2.94 -6.97 -25.76
N GLY A 707 -2.31 -7.46 -26.82
CA GLY A 707 -1.54 -6.62 -27.70
C GLY A 707 -1.01 -7.38 -28.88
N ILE A 708 -0.64 -6.64 -29.92
CA ILE A 708 -0.05 -7.19 -31.13
C ILE A 708 1.37 -6.65 -31.22
N PHE A 709 2.34 -7.56 -31.22
CA PHE A 709 3.74 -7.19 -31.27
C PHE A 709 4.25 -7.35 -32.70
N LYS A 710 4.76 -6.25 -33.27
CA LYS A 710 5.34 -6.34 -34.61
C LYS A 710 6.63 -7.15 -34.59
N SER A 711 7.45 -6.99 -33.55
CA SER A 711 8.66 -7.76 -33.38
C SER A 711 8.80 -8.11 -31.91
N LEU A 712 9.42 -9.26 -31.64
CA LEU A 712 9.59 -9.74 -30.28
C LEU A 712 10.99 -10.31 -30.11
N LEU A 713 11.52 -10.17 -28.90
CA LEU A 713 12.83 -10.72 -28.53
C LEU A 713 12.62 -11.49 -27.22
N LEU A 714 12.25 -12.76 -27.33
CA LEU A 714 11.96 -13.59 -26.17
C LEU A 714 13.28 -14.15 -25.64
N LEU A 715 13.70 -13.69 -24.46
CA LEU A 715 14.97 -14.10 -23.89
C LEU A 715 14.81 -15.29 -22.95
N LYS A 716 14.02 -15.12 -21.90
CA LYS A 716 13.78 -16.17 -20.92
C LYS A 716 12.34 -16.05 -20.44
N LYS A 717 12.01 -16.79 -19.38
CA LYS A 717 10.71 -16.63 -18.75
C LYS A 717 10.63 -15.27 -18.07
N LYS A 718 9.56 -14.53 -18.36
CA LYS A 718 9.35 -13.20 -17.79
C LYS A 718 10.42 -12.22 -18.22
N LYS A 719 10.91 -12.35 -19.45
CA LYS A 719 11.95 -11.44 -19.97
C LYS A 719 11.79 -11.37 -21.49
N TYR A 720 11.22 -10.28 -21.98
CA TYR A 720 11.09 -10.08 -23.42
C TYR A 720 10.89 -8.60 -23.71
N ALA A 721 11.18 -8.23 -24.96
CA ALA A 721 10.95 -6.88 -25.46
C ALA A 721 10.15 -6.99 -26.75
N ALA A 722 9.23 -6.04 -26.95
CA ALA A 722 8.36 -6.10 -28.12
C ALA A 722 8.02 -4.68 -28.58
N LEU A 723 7.62 -4.59 -29.84
CA LEU A 723 7.13 -3.35 -30.43
C LEU A 723 5.61 -3.42 -30.49
N THR A 724 4.97 -3.08 -29.37
CA THR A 724 3.51 -3.15 -29.31
C THR A 724 2.89 -2.26 -30.37
N VAL A 725 1.82 -2.75 -30.98
CA VAL A 725 1.14 -2.04 -32.07
C VAL A 725 -0.20 -1.55 -31.57
N GLU A 726 -0.44 -0.25 -31.69
CA GLU A 726 -1.71 0.38 -31.35
C GLU A 726 -2.27 1.04 -32.60
N PRO A 727 -3.28 0.47 -33.25
CA PRO A 727 -3.72 1.02 -34.54
C PRO A 727 -4.19 2.46 -34.42
N THR A 728 -3.87 3.25 -35.44
CA THR A 728 -4.28 4.66 -35.49
C THR A 728 -5.54 4.87 -36.32
N GLY A 729 -5.81 4.00 -37.29
CA GLY A 729 -7.00 4.10 -38.12
C GLY A 729 -6.66 4.06 -39.59
N ASP A 730 -7.60 3.54 -40.37
CA ASP A 730 -7.45 3.46 -41.83
C ASP A 730 -6.19 2.68 -42.21
N GLY A 731 -5.88 1.64 -41.44
CA GLY A 731 -4.70 0.84 -41.69
C GLY A 731 -3.42 1.43 -41.15
N LYS A 732 -3.47 2.58 -40.49
CA LYS A 732 -2.28 3.21 -39.93
C LYS A 732 -2.14 2.81 -38.48
N TYR A 733 -0.95 2.36 -38.10
CA TYR A 733 -0.66 1.91 -36.75
C TYR A 733 0.62 2.56 -36.25
N VAL A 734 0.68 2.77 -34.94
CA VAL A 734 1.84 3.36 -34.28
C VAL A 734 2.46 2.30 -33.39
N THR A 735 3.79 2.17 -33.44
CA THR A 735 4.51 1.15 -32.70
C THR A 735 5.15 1.77 -31.47
N LYS A 736 4.87 1.20 -30.30
CA LYS A 736 5.40 1.65 -29.03
C LYS A 736 6.20 0.52 -28.40
N GLN A 737 7.41 0.84 -27.95
CA GLN A 737 8.28 -0.17 -27.36
C GLN A 737 7.72 -0.64 -26.01
N GLU A 738 8.05 -1.88 -25.65
CA GLU A 738 7.55 -2.47 -24.41
C GLU A 738 8.54 -3.51 -23.93
N LEU A 739 9.15 -3.26 -22.77
CA LEU A 739 10.09 -4.18 -22.15
C LEU A 739 9.47 -4.76 -20.89
N LYS A 740 9.64 -6.06 -20.69
CA LYS A 740 9.06 -6.78 -19.55
C LYS A 740 10.13 -7.64 -18.91
N GLY A 741 10.53 -7.29 -17.69
CA GLY A 741 11.41 -8.12 -16.89
C GLY A 741 12.87 -8.00 -17.21
N LEU A 742 13.25 -7.30 -18.28
CA LEU A 742 14.64 -7.17 -18.62
C LEU A 742 15.40 -6.43 -17.53
N ASP A 743 16.74 -6.51 -17.60
CA ASP A 743 17.57 -5.77 -16.66
C ASP A 743 17.52 -4.27 -16.92
N ILE A 744 17.06 -3.84 -18.10
CA ILE A 744 16.95 -2.42 -18.39
C ILE A 744 15.85 -1.77 -17.57
N VAL A 745 14.93 -2.56 -17.01
CA VAL A 745 13.79 -2.02 -16.29
C VAL A 745 13.92 -2.35 -14.81
N ARG A 746 15.15 -2.50 -14.34
CA ARG A 746 15.44 -2.79 -12.95
C ARG A 746 16.33 -1.71 -12.36
N ARG A 747 15.99 -1.27 -11.14
CA ARG A 747 16.74 -0.20 -10.50
C ARG A 747 18.11 -0.64 -10.01
N ASP A 748 18.41 -1.94 -10.04
CA ASP A 748 19.67 -2.46 -9.53
C ASP A 748 20.76 -2.53 -10.61
N TRP A 749 20.64 -1.73 -11.66
CA TRP A 749 21.65 -1.65 -12.70
C TRP A 749 21.96 -0.19 -13.00
N CYS A 750 23.22 0.07 -13.33
CA CYS A 750 23.64 1.44 -13.63
C CYS A 750 22.94 1.97 -14.86
N GLU A 751 22.68 3.28 -14.87
CA GLU A 751 22.00 3.89 -16.00
C GLU A 751 22.81 3.78 -17.28
N LEU A 752 24.14 3.66 -17.18
CA LEU A 752 24.95 3.43 -18.37
C LEU A 752 24.59 2.09 -19.02
N ALA A 753 24.49 1.04 -18.19
CA ALA A 753 24.09 -0.27 -18.70
C ALA A 753 22.67 -0.21 -19.26
N LYS A 754 21.77 0.50 -18.58
CA LYS A 754 20.41 0.62 -19.07
C LYS A 754 20.37 1.30 -20.43
N GLN A 755 21.15 2.37 -20.60
CA GLN A 755 21.18 3.07 -21.89
C GLN A 755 21.74 2.17 -22.99
N ALA A 756 22.83 1.45 -22.69
CA ALA A 756 23.40 0.57 -23.70
C ALA A 756 22.42 -0.50 -24.10
N GLY A 757 21.76 -1.11 -23.12
CA GLY A 757 20.79 -2.15 -23.43
C GLY A 757 19.59 -1.62 -24.19
N ASN A 758 19.13 -0.41 -23.85
CA ASN A 758 18.01 0.19 -24.56
C ASN A 758 18.37 0.44 -26.02
N TYR A 759 19.57 0.97 -26.28
CA TYR A 759 19.99 1.19 -27.65
C TYR A 759 20.09 -0.13 -28.40
N VAL A 760 20.66 -1.15 -27.76
CA VAL A 760 20.80 -2.45 -28.43
C VAL A 760 19.43 -3.04 -28.74
N ILE A 761 18.50 -2.96 -27.79
CA ILE A 761 17.15 -3.49 -28.02
C ILE A 761 16.47 -2.72 -29.14
N SER A 762 16.61 -1.40 -29.16
CA SER A 762 16.00 -0.60 -30.21
C SER A 762 16.54 -1.00 -31.58
N GLN A 763 17.84 -1.22 -31.67
CA GLN A 763 18.42 -1.65 -32.94
C GLN A 763 17.91 -3.04 -33.32
N ILE A 764 17.85 -3.96 -32.36
CA ILE A 764 17.45 -5.33 -32.67
C ILE A 764 15.99 -5.38 -33.12
N LEU A 765 15.14 -4.55 -32.53
CA LEU A 765 13.73 -4.54 -32.85
C LEU A 765 13.42 -3.70 -34.10
N SER A 766 14.38 -2.94 -34.61
CA SER A 766 14.14 -2.13 -35.78
C SER A 766 14.06 -2.99 -37.03
N ASP A 767 13.65 -2.37 -38.13
CA ASP A 767 13.50 -3.04 -39.41
C ASP A 767 14.75 -2.97 -40.27
N GLN A 768 15.84 -2.42 -39.75
CA GLN A 768 17.06 -2.31 -40.52
C GLN A 768 17.61 -3.70 -40.81
N PRO A 769 18.39 -3.86 -41.88
CA PRO A 769 19.03 -5.15 -42.14
C PRO A 769 19.95 -5.53 -41.00
N ARG A 770 20.09 -6.84 -40.80
CA ARG A 770 20.80 -7.34 -39.63
C ARG A 770 22.24 -6.85 -39.57
N ASP A 771 22.90 -6.80 -40.74
CA ASP A 771 24.29 -6.36 -40.76
C ASP A 771 24.42 -4.93 -40.23
N SER A 772 23.52 -4.05 -40.66
CA SER A 772 23.56 -2.67 -40.17
C SER A 772 23.30 -2.64 -38.66
N ILE A 773 22.42 -3.50 -38.17
CA ILE A 773 22.13 -3.54 -36.75
C ILE A 773 23.39 -3.90 -35.97
N VAL A 774 24.09 -4.94 -36.42
CA VAL A 774 25.30 -5.37 -35.73
C VAL A 774 26.36 -4.28 -35.79
N GLU A 775 26.50 -3.62 -36.94
CA GLU A 775 27.48 -2.55 -37.06
C GLU A 775 27.16 -1.41 -36.11
N ASN A 776 25.89 -1.02 -36.02
CA ASN A 776 25.51 0.06 -35.10
C ASN A 776 25.75 -0.34 -33.66
N ILE A 777 25.48 -1.60 -33.31
CA ILE A 777 25.75 -2.06 -31.95
C ILE A 777 27.24 -1.95 -31.65
N GLN A 778 28.08 -2.38 -32.60
CA GLN A 778 29.52 -2.28 -32.41
C GLN A 778 29.95 -0.83 -32.22
N LYS A 779 29.43 0.07 -33.05
CA LYS A 779 29.82 1.47 -32.97
C LYS A 779 29.41 2.07 -31.63
N LYS A 780 28.18 1.80 -31.19
CA LYS A 780 27.72 2.35 -29.92
C LYS A 780 28.51 1.78 -28.75
N LEU A 781 28.81 0.48 -28.78
CA LEU A 781 29.57 -0.10 -27.69
C LEU A 781 30.98 0.47 -27.65
N THR A 782 31.61 0.66 -28.80
CA THR A 782 32.92 1.28 -28.82
C THR A 782 32.86 2.71 -28.26
N GLU A 783 31.83 3.46 -28.65
CA GLU A 783 31.70 4.83 -28.15
C GLU A 783 31.53 4.85 -26.64
N ILE A 784 30.70 3.95 -26.10
CA ILE A 784 30.48 3.92 -24.65
C ILE A 784 31.75 3.50 -23.94
N GLY A 785 32.51 2.56 -24.51
CA GLY A 785 33.77 2.19 -23.92
C GLY A 785 34.75 3.35 -23.88
N GLU A 786 34.85 4.09 -24.98
CA GLU A 786 35.72 5.26 -25.00
C GLU A 786 35.28 6.30 -23.98
N ASN A 787 33.96 6.54 -23.88
CA ASN A 787 33.45 7.51 -22.92
C ASN A 787 33.80 7.11 -21.49
N VAL A 788 33.63 5.83 -21.17
CA VAL A 788 33.95 5.37 -19.82
C VAL A 788 35.45 5.47 -19.57
N THR A 789 36.27 5.11 -20.56
CA THR A 789 37.71 5.16 -20.37
C THR A 789 38.22 6.59 -20.20
N ASN A 790 37.61 7.55 -20.87
CA ASN A 790 38.04 8.94 -20.80
C ASN A 790 37.34 9.72 -19.71
N GLY A 791 36.46 9.10 -18.92
CA GLY A 791 35.82 9.80 -17.83
C GLY A 791 34.84 10.86 -18.26
N THR A 792 34.34 10.82 -19.49
CA THR A 792 33.39 11.80 -19.98
C THR A 792 31.95 11.47 -19.62
N VAL A 793 31.69 10.30 -19.04
CA VAL A 793 30.33 9.95 -18.64
C VAL A 793 29.95 10.74 -17.40
N PRO A 794 28.70 11.19 -17.28
CA PRO A 794 28.28 11.84 -16.02
C PRO A 794 28.32 10.87 -14.86
N ILE A 795 28.59 11.41 -13.67
CA ILE A 795 28.68 10.57 -12.49
C ILE A 795 27.32 9.99 -12.14
N THR A 796 26.24 10.75 -12.37
CA THR A 796 24.92 10.30 -12.01
C THR A 796 24.54 8.99 -12.72
N GLN A 797 25.18 8.68 -13.83
CA GLN A 797 24.88 7.47 -14.57
C GLN A 797 25.53 6.22 -13.97
N TYR A 798 26.39 6.38 -12.95
CA TYR A 798 27.02 5.24 -12.31
C TYR A 798 26.26 4.73 -11.11
N GLU A 799 25.18 5.39 -10.71
CA GLU A 799 24.48 5.02 -9.49
C GLU A 799 23.78 3.69 -9.64
N ILE A 800 23.80 2.89 -8.58
CA ILE A 800 23.08 1.62 -8.50
C ILE A 800 22.18 1.68 -7.28
N ASN A 801 20.89 1.41 -7.48
CA ASN A 801 19.88 1.59 -6.45
C ASN A 801 19.43 0.23 -5.94
N LYS A 802 19.57 0.01 -4.63
CA LYS A 802 19.08 -1.19 -3.97
C LYS A 802 18.38 -0.81 -2.69
N ALA A 803 17.18 -1.34 -2.48
CA ALA A 803 16.39 -1.03 -1.31
C ALA A 803 16.84 -1.88 -0.13
N LEU A 804 16.35 -1.51 1.06
CA LEU A 804 16.66 -2.21 2.30
C LEU A 804 15.41 -2.87 2.85
N THR A 805 15.59 -4.05 3.43
CA THR A 805 14.50 -4.79 4.04
C THR A 805 14.45 -4.63 5.56
N LYS A 806 15.61 -4.55 6.20
CA LYS A 806 15.72 -4.32 7.63
C LYS A 806 16.54 -3.05 7.87
N ASP A 807 16.58 -2.62 9.12
CA ASP A 807 17.42 -1.50 9.46
C ASP A 807 18.88 -1.89 9.25
N PRO A 808 19.76 -0.93 8.92
CA PRO A 808 21.16 -1.30 8.65
C PRO A 808 21.80 -2.03 9.82
N GLN A 809 21.40 -1.74 11.05
CA GLN A 809 21.96 -2.45 12.19
C GLN A 809 21.52 -3.91 12.21
N ASP A 810 20.26 -4.18 11.87
CA ASP A 810 19.71 -5.52 11.99
C ASP A 810 20.25 -6.49 10.96
N TYR A 811 20.96 -6.01 9.95
CA TYR A 811 21.54 -6.91 8.96
C TYR A 811 22.67 -7.70 9.60
N PRO A 812 22.64 -9.03 9.55
CA PRO A 812 23.76 -9.81 10.09
C PRO A 812 25.07 -9.46 9.40
N ASP A 813 26.16 -9.94 9.96
CA ASP A 813 27.50 -9.71 9.41
C ASP A 813 27.78 -10.70 8.28
N LYS A 814 26.86 -10.76 7.32
CA LYS A 814 27.02 -11.57 6.12
C LYS A 814 27.90 -10.79 5.15
N LYS A 815 29.20 -10.79 5.44
CA LYS A 815 30.12 -9.90 4.74
C LYS A 815 29.57 -8.48 4.81
N SER A 816 29.31 -7.86 3.66
CA SER A 816 28.65 -6.55 3.65
C SER A 816 27.99 -6.39 2.28
N LEU A 817 26.68 -6.57 2.23
CA LEU A 817 25.95 -6.26 1.01
C LEU A 817 26.17 -4.80 0.67
N PRO A 818 26.47 -4.47 -0.59
CA PRO A 818 26.87 -3.09 -0.91
C PRO A 818 25.97 -2.05 -0.30
N HIS A 819 24.68 -2.08 -0.61
CA HIS A 819 23.78 -1.03 -0.13
C HIS A 819 23.87 -0.89 1.38
N VAL A 820 23.80 -2.02 2.11
CA VAL A 820 23.84 -1.97 3.56
C VAL A 820 25.08 -1.22 4.01
N HIS A 821 26.24 -1.55 3.43
CA HIS A 821 27.46 -0.82 3.72
C HIS A 821 27.20 0.67 3.67
N VAL A 822 26.80 1.17 2.50
CA VAL A 822 26.57 2.61 2.36
C VAL A 822 25.51 3.06 3.35
N ALA A 823 24.48 2.24 3.55
CA ALA A 823 23.44 2.60 4.51
C ALA A 823 24.05 2.97 5.84
N LEU A 824 24.94 2.11 6.35
CA LEU A 824 25.55 2.39 7.65
C LEU A 824 26.29 3.72 7.62
N TRP A 825 27.04 3.96 6.54
CA TRP A 825 27.74 5.25 6.42
C TRP A 825 26.76 6.40 6.54
N ILE A 826 25.62 6.31 5.86
CA ILE A 826 24.65 7.40 5.91
C ILE A 826 24.20 7.63 7.34
N ASN A 827 24.04 6.55 8.12
CA ASN A 827 23.65 6.71 9.51
C ASN A 827 24.78 7.30 10.34
N SER A 828 26.03 6.99 10.00
CA SER A 828 27.16 7.56 10.74
C SER A 828 27.20 9.08 10.59
N GLN A 829 26.98 9.57 9.37
CA GLN A 829 27.01 11.01 9.12
C GLN A 829 25.82 11.69 9.80
N GLY A 830 25.90 13.01 9.89
CA GLY A 830 24.87 13.78 10.54
C GLY A 830 23.68 14.12 9.66
N GLY A 831 22.82 13.13 9.41
CA GLY A 831 21.66 13.33 8.58
C GLY A 831 20.54 12.41 8.97
N ARG A 832 19.37 12.64 8.37
CA ARG A 832 18.22 11.80 8.64
C ARG A 832 18.54 10.35 8.32
N LYS A 833 18.21 9.47 9.26
CA LYS A 833 18.61 8.07 9.13
C LYS A 833 17.88 7.40 7.98
N VAL A 834 18.41 6.25 7.58
CA VAL A 834 17.81 5.43 6.52
C VAL A 834 17.30 4.16 7.18
N LYS A 835 15.98 3.99 7.18
CA LYS A 835 15.35 2.85 7.81
C LYS A 835 15.06 1.77 6.77
N ALA A 836 14.29 0.75 7.16
CA ALA A 836 13.94 -0.32 6.24
C ALA A 836 13.06 0.21 5.11
N GLY A 837 13.17 -0.45 3.96
CA GLY A 837 12.39 -0.04 2.80
C GLY A 837 12.80 1.30 2.25
N ASP A 838 14.09 1.61 2.25
CA ASP A 838 14.61 2.86 1.73
C ASP A 838 15.65 2.56 0.67
N THR A 839 15.48 3.16 -0.52
CA THR A 839 16.43 2.95 -1.59
C THR A 839 17.73 3.69 -1.30
N ILE A 840 18.85 3.07 -1.66
CA ILE A 840 20.18 3.64 -1.45
C ILE A 840 20.95 3.54 -2.76
N SER A 841 21.48 4.67 -3.21
CA SER A 841 22.27 4.74 -4.44
C SER A 841 23.74 4.73 -4.07
N TYR A 842 24.47 3.76 -4.61
CA TYR A 842 25.90 3.61 -4.34
C TYR A 842 26.65 3.45 -5.64
N VAL A 843 27.90 3.90 -5.64
CA VAL A 843 28.79 3.76 -6.78
C VAL A 843 30.00 2.94 -6.34
N ILE A 844 30.26 1.86 -7.07
CA ILE A 844 31.42 1.01 -6.79
C ILE A 844 32.65 1.70 -7.34
N CYS A 845 33.62 2.00 -6.47
CA CYS A 845 34.74 2.85 -6.81
C CYS A 845 36.04 2.23 -6.33
N GLN A 846 37.13 2.59 -7.01
CA GLN A 846 38.45 2.13 -6.62
C GLN A 846 38.94 2.91 -5.40
N ASP A 847 39.53 2.18 -4.46
CA ASP A 847 40.15 2.78 -3.29
C ASP A 847 41.54 2.23 -3.02
N GLY A 848 42.08 1.41 -3.93
CA GLY A 848 43.37 0.79 -3.70
C GLY A 848 43.35 -0.34 -2.71
N SER A 849 42.16 -0.85 -2.35
CA SER A 849 42.05 -1.81 -1.27
C SER A 849 42.33 -3.25 -1.70
N ASN A 850 42.37 -3.51 -3.01
CA ASN A 850 42.57 -4.87 -3.49
C ASN A 850 41.53 -5.81 -2.89
N LEU A 851 40.31 -5.31 -2.75
CA LEU A 851 39.20 -6.06 -2.17
C LEU A 851 38.11 -6.27 -3.21
N SER A 852 37.12 -7.07 -2.83
CA SER A 852 36.04 -7.37 -3.76
C SER A 852 35.21 -6.13 -4.06
N ALA A 853 34.61 -6.12 -5.25
CA ALA A 853 33.81 -4.97 -5.66
C ALA A 853 32.66 -4.72 -4.70
N SER A 854 31.99 -5.78 -4.26
CA SER A 854 30.87 -5.62 -3.34
C SER A 854 31.28 -4.93 -2.06
N GLN A 855 32.56 -4.96 -1.71
CA GLN A 855 33.06 -4.32 -0.49
C GLN A 855 33.72 -2.98 -0.76
N ARG A 856 33.53 -2.42 -1.96
CA ARG A 856 34.04 -1.09 -2.29
C ARG A 856 32.90 -0.13 -2.62
N ALA A 857 31.67 -0.46 -2.24
CA ALA A 857 30.55 0.42 -2.51
C ALA A 857 30.66 1.69 -1.68
N TYR A 858 30.38 2.83 -2.32
CA TYR A 858 30.50 4.13 -1.67
C TYR A 858 29.39 5.04 -2.15
N ALA A 859 29.02 6.00 -1.31
CA ALA A 859 28.06 7.01 -1.70
C ALA A 859 28.69 7.99 -2.68
N GLN A 860 27.84 8.65 -3.46
CA GLN A 860 28.34 9.57 -4.46
C GLN A 860 29.04 10.76 -3.82
N GLU A 861 28.50 11.26 -2.70
CA GLU A 861 29.15 12.35 -2.00
C GLU A 861 30.54 11.95 -1.50
N GLN A 862 30.68 10.71 -1.03
CA GLN A 862 31.99 10.21 -0.64
C GLN A 862 32.99 10.37 -1.78
N LEU A 863 32.59 9.93 -2.98
CA LEU A 863 33.49 10.04 -4.13
C LEU A 863 33.79 11.49 -4.44
N GLN A 864 32.77 12.34 -4.43
CA GLN A 864 32.97 13.75 -4.76
C GLN A 864 33.86 14.45 -3.74
N LYS A 865 33.96 13.92 -2.53
CA LYS A 865 34.74 14.56 -1.47
C LYS A 865 36.18 14.02 -1.43
N GLN A 866 36.33 12.72 -1.18
CA GLN A 866 37.65 12.14 -1.01
C GLN A 866 38.43 12.18 -2.33
N GLU A 867 39.74 12.39 -2.20
CA GLU A 867 40.64 12.47 -3.35
C GLU A 867 41.30 11.14 -3.68
N ASN A 868 41.04 10.09 -2.90
CA ASN A 868 41.64 8.78 -3.13
C ASN A 868 40.65 7.78 -3.71
N LEU A 869 39.44 8.22 -4.03
CA LEU A 869 38.39 7.36 -4.55
C LEU A 869 38.09 7.73 -6.00
N SER A 870 38.10 6.74 -6.88
CA SER A 870 37.80 6.96 -8.29
C SER A 870 36.88 5.85 -8.78
N ILE A 871 36.05 6.17 -9.77
CA ILE A 871 35.11 5.20 -10.30
C ILE A 871 35.86 4.05 -10.94
N ASP A 872 35.38 2.83 -10.70
CA ASP A 872 36.00 1.62 -11.27
C ASP A 872 35.47 1.45 -12.67
N THR A 873 36.17 2.02 -13.65
CA THR A 873 35.73 1.94 -15.04
C THR A 873 35.66 0.49 -15.51
N GLN A 874 36.71 -0.29 -15.20
CA GLN A 874 36.73 -1.68 -15.63
C GLN A 874 35.57 -2.45 -15.04
N TYR A 875 35.24 -2.20 -13.77
CA TYR A 875 34.14 -2.90 -13.14
C TYR A 875 32.86 -2.69 -13.93
N TYR A 876 32.55 -1.44 -14.28
CA TYR A 876 31.32 -1.17 -15.01
C TYR A 876 31.37 -1.79 -16.40
N LEU A 877 32.45 -1.54 -17.15
CA LEU A 877 32.53 -2.07 -18.50
C LEU A 877 32.49 -3.59 -18.54
N SER A 878 32.82 -4.27 -17.44
CA SER A 878 32.90 -5.72 -17.45
C SER A 878 31.75 -6.41 -16.73
N GLN A 879 31.05 -5.74 -15.81
CA GLN A 879 30.03 -6.37 -15.00
C GLN A 879 28.73 -5.58 -14.93
N GLN A 880 28.62 -4.46 -15.63
CA GLN A 880 27.37 -3.73 -15.73
C GLN A 880 26.91 -3.54 -17.16
N VAL A 881 27.82 -3.21 -18.08
CA VAL A 881 27.47 -3.04 -19.48
C VAL A 881 27.56 -4.36 -20.23
N HIS A 882 28.65 -5.09 -20.07
CA HIS A 882 28.81 -6.35 -20.80
C HIS A 882 27.75 -7.38 -20.43
N PRO A 883 27.45 -7.65 -19.16
CA PRO A 883 26.44 -8.68 -18.86
C PRO A 883 25.09 -8.38 -19.47
N VAL A 884 24.64 -7.12 -19.40
CA VAL A 884 23.30 -6.78 -19.88
C VAL A 884 23.21 -6.95 -21.40
N VAL A 885 24.17 -6.38 -22.13
CA VAL A 885 24.15 -6.49 -23.58
C VAL A 885 24.35 -7.93 -24.02
N ALA A 886 25.20 -8.67 -23.31
CA ALA A 886 25.41 -10.08 -23.65
C ALA A 886 24.12 -10.87 -23.48
N ARG A 887 23.40 -10.63 -22.38
CA ARG A 887 22.13 -11.31 -22.20
C ARG A 887 21.13 -10.92 -23.28
N ILE A 888 21.10 -9.64 -23.65
CA ILE A 888 20.16 -9.20 -24.68
C ILE A 888 20.48 -9.87 -26.01
N CYS A 889 21.75 -9.96 -26.37
CA CYS A 889 22.16 -10.44 -27.68
C CYS A 889 22.41 -11.94 -27.74
N GLU A 890 21.94 -12.70 -26.75
CA GLU A 890 22.10 -14.15 -26.83
C GLU A 890 21.41 -14.74 -28.04
N PRO A 891 20.15 -14.40 -28.36
CA PRO A 891 19.47 -15.06 -29.49
C PRO A 891 19.72 -14.37 -30.82
N ILE A 892 20.72 -13.51 -30.90
CA ILE A 892 21.02 -12.73 -32.10
C ILE A 892 22.33 -13.25 -32.69
N ASP A 893 22.32 -13.52 -33.98
CA ASP A 893 23.50 -14.02 -34.67
C ASP A 893 24.40 -12.85 -35.08
N GLY A 894 25.69 -13.00 -34.82
CA GLY A 894 26.67 -11.98 -35.10
C GLY A 894 27.22 -11.28 -33.87
N ILE A 895 26.59 -11.47 -32.71
CA ILE A 895 27.02 -10.84 -31.47
C ILE A 895 27.18 -11.92 -30.42
N ASP A 896 28.28 -11.89 -29.68
CA ASP A 896 28.55 -12.84 -28.61
C ASP A 896 29.29 -12.12 -27.50
N SER A 897 29.56 -12.84 -26.40
CA SER A 897 30.22 -12.23 -25.26
C SER A 897 31.63 -11.74 -25.62
N ALA A 898 32.38 -12.55 -26.37
CA ALA A 898 33.73 -12.15 -26.75
C ALA A 898 33.72 -10.87 -27.58
N LEU A 899 32.79 -10.78 -28.53
CA LEU A 899 32.73 -9.59 -29.36
C LEU A 899 32.35 -8.36 -28.55
N ILE A 900 31.40 -8.49 -27.61
CA ILE A 900 31.03 -7.36 -26.77
C ILE A 900 32.22 -6.93 -25.92
N ALA A 901 32.95 -7.89 -25.37
CA ALA A 901 34.13 -7.55 -24.58
C ALA A 901 35.15 -6.82 -25.42
N MET A 902 35.39 -7.29 -26.65
CA MET A 902 36.36 -6.63 -27.51
C MET A 902 35.92 -5.21 -27.84
N TRP A 903 34.63 -5.02 -28.14
CA TRP A 903 34.16 -3.72 -28.59
C TRP A 903 34.22 -2.68 -27.48
N LEU A 904 33.96 -3.09 -26.24
CA LEU A 904 34.02 -2.16 -25.13
C LEU A 904 35.44 -1.81 -24.73
N GLY A 905 36.44 -2.28 -25.47
CA GLY A 905 37.83 -2.05 -25.10
C GLY A 905 38.38 -2.99 -24.05
N LEU A 906 37.60 -4.00 -23.65
CA LEU A 906 37.98 -4.92 -22.60
C LEU A 906 38.88 -6.02 -23.16
N ASP A 907 39.27 -6.95 -22.29
CA ASP A 907 40.07 -8.10 -22.70
C ASP A 907 39.16 -9.27 -23.00
N PRO A 908 39.11 -9.76 -24.25
CA PRO A 908 38.20 -10.87 -24.56
C PRO A 908 38.51 -12.15 -23.82
N SER A 909 39.72 -12.30 -23.29
CA SER A 909 40.13 -13.58 -22.71
C SER A 909 39.17 -14.02 -21.61
N GLN A 910 39.02 -13.21 -20.57
CA GLN A 910 38.23 -13.63 -19.41
C GLN A 910 36.79 -13.90 -19.79
N PHE A 911 36.20 -13.04 -20.63
CA PHE A 911 34.81 -13.20 -21.03
C PHE A 911 34.69 -14.18 -22.20
#